data_5HAF
#
_entry.id   5HAF
#
_cell.length_a   113.009
_cell.length_b   113.009
_cell.length_c   166.602
_cell.angle_alpha   90.00
_cell.angle_beta   90.00
_cell.angle_gamma   120.00
#
_symmetry.space_group_name_H-M   'P 31 1 2'
#
loop_
_entity.id
_entity.type
_entity.pdbx_description
1 polymer 'Deubiquitinase SseL'
2 non-polymer 'POTASSIUM ION'
3 water water
#
_entity_poly.entity_id   1
_entity_poly.type   'polypeptide(L)'
_entity_poly.pdbx_seq_one_letter_code
;MGSSHHHHHHSSGLEVLFQGPVSDEALTLLFSAVENGDQNCIDLLCNLALRNDDLGHRVEKFLFDLFSGKRTGSSDIDKK
INQACLVLHQIANNDITKDNTEWKKLHAPSRLLYMAGSATTDLSKKIGIAHKIMGDQFAQTDQEQVGVENLWCGARMLSS
DELAAATQGLVQESPLLSVNYPIGLIHPTTKENILSTQLLEKIAQSGLSHNEVFLVNTGDHWLLCLFYKLAEKIKCLIFN
TYYDLNENTKQEIIEAAKIAGISESDEVNFIEMNLQNNVPNGCGLFCYHTIQLLSNAGQNDPATTLREFAENFLTLSVEE
QALFNTQTRRQIYEYSLQ
;
_entity_poly.pdbx_strand_id   A,B
#
loop_
_chem_comp.id
_chem_comp.type
_chem_comp.name
_chem_comp.formula
K non-polymer 'POTASSIUM ION' 'K 1'
#
# COMPACT_ATOMS: atom_id res chain seq x y z
N GLY A 13 17.46 35.38 13.08
CA GLY A 13 16.60 34.39 13.70
C GLY A 13 16.48 33.13 12.85
N LEU A 14 16.78 33.25 11.56
CA LEU A 14 16.71 32.12 10.64
C LEU A 14 17.96 31.25 10.72
N GLU A 15 18.88 31.62 11.59
CA GLU A 15 20.13 30.89 11.77
C GLU A 15 19.92 29.46 12.26
N VAL A 16 18.74 29.19 12.81
CA VAL A 16 18.41 27.87 13.36
C VAL A 16 18.16 26.81 12.28
N LEU A 17 17.97 27.26 11.05
CA LEU A 17 17.70 26.35 9.94
C LEU A 17 18.91 25.47 9.61
N PHE A 18 20.09 25.91 10.06
CA PHE A 18 21.33 25.20 9.78
C PHE A 18 21.90 24.56 11.04
N GLN A 19 21.12 24.63 12.12
CA GLN A 19 21.51 24.04 13.40
C GLN A 19 20.66 22.80 13.68
N GLY A 20 21.20 21.63 13.34
CA GLY A 20 20.52 20.37 13.60
C GLY A 20 19.21 20.22 12.85
N PRO A 21 18.46 19.15 13.15
CA PRO A 21 17.15 18.87 12.55
C PRO A 21 16.21 20.07 12.69
N VAL A 22 15.53 20.41 11.60
CA VAL A 22 14.74 21.63 11.56
C VAL A 22 13.34 21.49 12.19
N SER A 23 13.06 22.33 13.19
CA SER A 23 11.78 22.32 13.87
C SER A 23 10.65 22.65 12.90
N ASP A 24 9.43 22.26 13.24
CA ASP A 24 8.27 22.63 12.45
C ASP A 24 8.04 24.13 12.64
N GLU A 25 8.45 24.63 13.80
CA GLU A 25 8.37 26.05 14.13
C GLU A 25 9.35 26.87 13.29
N ALA A 26 10.58 26.39 13.17
CA ALA A 26 11.60 27.09 12.41
C ALA A 26 11.22 27.25 10.95
N LEU A 27 10.41 26.30 10.45
CA LEU A 27 9.92 26.37 9.08
C LEU A 27 8.86 27.45 8.93
N THR A 28 7.98 27.57 9.92
CA THR A 28 6.96 28.61 9.92
C THR A 28 7.63 29.98 9.99
N LEU A 29 8.77 30.03 10.67
CA LEU A 29 9.55 31.25 10.79
C LEU A 29 10.11 31.66 9.43
N LEU A 30 10.52 30.67 8.65
CA LEU A 30 11.04 30.90 7.31
C LEU A 30 9.98 31.50 6.40
N PHE A 31 8.80 30.89 6.39
CA PHE A 31 7.71 31.35 5.53
C PHE A 31 7.07 32.64 6.04
N SER A 32 7.25 32.91 7.33
CA SER A 32 6.85 34.20 7.89
C SER A 32 7.78 35.28 7.34
N ALA A 33 9.06 34.93 7.20
CA ALA A 33 10.05 35.84 6.66
C ALA A 33 9.84 36.10 5.17
N VAL A 34 9.47 35.05 4.45
CA VAL A 34 9.19 35.14 3.02
C VAL A 34 7.93 35.99 2.77
N GLU A 35 6.93 35.80 3.62
CA GLU A 35 5.69 36.55 3.53
C GLU A 35 5.91 38.05 3.66
N ASN A 36 6.86 38.43 4.52
CA ASN A 36 7.13 39.84 4.80
C ASN A 36 8.33 40.39 4.03
N GLY A 37 9.03 39.51 3.31
CA GLY A 37 10.25 39.91 2.63
C GLY A 37 10.13 40.11 1.14
N ASP A 38 11.27 40.27 0.47
CA ASP A 38 11.31 40.53 -0.97
C ASP A 38 11.95 39.39 -1.76
N GLN A 39 12.71 39.75 -2.79
CA GLN A 39 13.29 38.78 -3.71
C GLN A 39 14.36 37.89 -3.06
N ASN A 40 15.09 38.46 -2.10
CA ASN A 40 16.10 37.70 -1.35
C ASN A 40 15.51 36.51 -0.61
N CYS A 41 14.37 36.72 0.04
CA CYS A 41 13.72 35.66 0.80
C CYS A 41 13.15 34.59 -0.12
N ILE A 42 12.68 34.99 -1.29
CA ILE A 42 12.21 34.05 -2.29
C ILE A 42 13.37 33.22 -2.83
N ASP A 43 14.47 33.90 -3.18
CA ASP A 43 15.66 33.22 -3.66
C ASP A 43 16.24 32.28 -2.59
N LEU A 44 16.20 32.72 -1.34
CA LEU A 44 16.66 31.89 -0.22
C LEU A 44 15.78 30.66 -0.07
N LEU A 45 14.47 30.84 -0.20
CA LEU A 45 13.51 29.76 -0.09
C LEU A 45 13.76 28.70 -1.17
N CYS A 46 13.98 29.15 -2.40
CA CYS A 46 14.23 28.24 -3.51
C CYS A 46 15.53 27.46 -3.32
N ASN A 47 16.57 28.17 -2.88
CA ASN A 47 17.86 27.54 -2.61
C ASN A 47 17.74 26.43 -1.57
N LEU A 48 16.91 26.66 -0.56
CA LEU A 48 16.77 25.71 0.55
C LEU A 48 15.95 24.48 0.16
N ALA A 49 14.99 24.66 -0.74
CA ALA A 49 14.14 23.56 -1.18
C ALA A 49 14.86 22.71 -2.23
N LEU A 50 15.93 23.26 -2.78
CA LEU A 50 16.69 22.58 -3.83
C LEU A 50 17.72 21.60 -3.25
N ARG A 51 17.95 21.70 -1.94
CA ARG A 51 18.93 20.87 -1.25
C ARG A 51 18.58 19.38 -1.23
N ASN A 52 19.62 18.54 -1.31
CA ASN A 52 19.44 17.08 -1.19
C ASN A 52 19.33 16.59 0.25
N ASP A 53 19.83 17.39 1.19
CA ASP A 53 19.86 16.97 2.59
C ASP A 53 18.48 17.03 3.26
N ASP A 54 18.43 16.63 4.52
CA ASP A 54 17.17 16.54 5.26
C ASP A 54 16.45 17.89 5.33
N LEU A 55 17.22 18.97 5.46
CA LEU A 55 16.66 20.31 5.53
C LEU A 55 15.96 20.66 4.21
N GLY A 56 16.59 20.31 3.10
CA GLY A 56 16.01 20.55 1.80
C GLY A 56 14.71 19.79 1.61
N HIS A 57 14.67 18.59 2.16
CA HIS A 57 13.50 17.74 2.08
C HIS A 57 12.34 18.33 2.88
N ARG A 58 12.66 18.84 4.06
CA ARG A 58 11.65 19.42 4.95
C ARG A 58 11.06 20.70 4.37
N VAL A 59 11.93 21.56 3.86
CA VAL A 59 11.51 22.81 3.24
C VAL A 59 10.65 22.53 2.01
N GLU A 60 11.07 21.55 1.22
CA GLU A 60 10.36 21.19 -0.01
C GLU A 60 8.93 20.73 0.27
N LYS A 61 8.75 19.93 1.32
CA LYS A 61 7.43 19.44 1.71
C LYS A 61 6.52 20.55 2.22
N PHE A 62 7.05 21.35 3.14
CA PHE A 62 6.31 22.45 3.76
C PHE A 62 5.83 23.42 2.68
N LEU A 63 6.70 23.66 1.70
CA LEU A 63 6.39 24.52 0.58
C LEU A 63 5.31 23.88 -0.31
N PHE A 64 5.43 22.58 -0.56
CA PHE A 64 4.44 21.88 -1.37
C PHE A 64 3.08 21.80 -0.67
N ASP A 65 3.10 21.69 0.66
CA ASP A 65 1.88 21.63 1.44
C ASP A 65 1.11 22.95 1.37
N LEU A 66 1.85 24.04 1.21
CA LEU A 66 1.25 25.37 1.08
C LEU A 66 0.80 25.61 -0.36
N PHE A 67 1.54 25.02 -1.29
CA PHE A 67 1.26 25.10 -2.71
C PHE A 67 0.03 24.27 -3.07
N SER A 68 -0.27 23.27 -2.25
CA SER A 68 -1.35 22.32 -2.56
C SER A 68 -2.61 22.55 -1.73
N GLY A 69 -2.51 23.42 -0.73
CA GLY A 69 -3.65 23.71 0.12
C GLY A 69 -3.77 22.75 1.29
N LYS A 70 -2.81 21.85 1.40
CA LYS A 70 -2.76 20.91 2.52
C LYS A 70 -2.45 21.67 3.81
N ARG A 71 -1.75 22.79 3.66
CA ARG A 71 -1.59 23.74 4.74
C ARG A 71 -2.23 25.06 4.31
N THR A 72 -3.00 25.66 5.20
CA THR A 72 -3.55 26.98 4.93
C THR A 72 -2.45 28.02 5.05
N GLY A 73 -2.63 29.15 4.38
CA GLY A 73 -1.68 30.24 4.47
C GLY A 73 -2.38 31.55 4.14
N SER A 74 -1.72 32.66 4.43
CA SER A 74 -2.25 33.97 4.07
C SER A 74 -2.33 34.09 2.56
N SER A 75 -3.17 34.99 2.07
CA SER A 75 -3.25 35.26 0.63
C SER A 75 -1.95 35.90 0.14
N ASP A 76 -1.18 36.44 1.09
CA ASP A 76 0.11 37.05 0.79
C ASP A 76 1.21 36.02 0.59
N ILE A 77 1.09 34.87 1.26
CA ILE A 77 2.09 33.82 1.11
C ILE A 77 1.84 33.01 -0.16
N ASP A 78 0.62 33.06 -0.67
CA ASP A 78 0.28 32.38 -1.91
C ASP A 78 0.94 33.08 -3.09
N LYS A 79 1.05 34.40 -3.00
CA LYS A 79 1.67 35.21 -4.05
C LYS A 79 3.18 35.06 -4.07
N LYS A 80 3.76 34.76 -2.91
CA LYS A 80 5.19 34.50 -2.80
C LYS A 80 5.52 33.15 -3.43
N ILE A 81 4.63 32.18 -3.22
CA ILE A 81 4.80 30.83 -3.76
C ILE A 81 4.73 30.82 -5.30
N ASN A 82 3.81 31.60 -5.86
CA ASN A 82 3.73 31.75 -7.30
C ASN A 82 5.04 32.28 -7.88
N GLN A 83 5.74 33.11 -7.11
CA GLN A 83 7.03 33.63 -7.53
C GLN A 83 8.12 32.57 -7.38
N ALA A 84 8.06 31.82 -6.27
CA ALA A 84 9.00 30.73 -6.05
C ALA A 84 8.87 29.68 -7.16
N CYS A 85 7.64 29.39 -7.54
CA CYS A 85 7.38 28.43 -8.62
C CYS A 85 7.96 28.91 -9.94
N LEU A 86 7.90 30.22 -10.19
CA LEU A 86 8.47 30.79 -11.41
C LEU A 86 9.99 30.76 -11.41
N VAL A 87 10.59 30.96 -10.23
CA VAL A 87 12.03 30.91 -10.08
C VAL A 87 12.53 29.48 -10.35
N LEU A 88 11.84 28.50 -9.77
CA LEU A 88 12.18 27.09 -9.96
C LEU A 88 11.98 26.66 -11.41
N HIS A 89 10.95 27.22 -12.05
CA HIS A 89 10.70 26.97 -13.46
C HIS A 89 11.91 27.37 -14.29
N GLN A 90 12.51 28.51 -13.95
CA GLN A 90 13.65 29.04 -14.68
C GLN A 90 14.91 28.23 -14.42
N ILE A 91 15.03 27.70 -13.21
CA ILE A 91 16.15 26.87 -12.82
C ILE A 91 16.06 25.50 -13.49
N ALA A 92 14.86 24.95 -13.56
CA ALA A 92 14.63 23.65 -14.19
C ALA A 92 14.90 23.67 -15.70
N ASN A 93 14.67 24.81 -16.34
CA ASN A 93 14.88 24.93 -17.78
C ASN A 93 16.24 25.54 -18.14
N ASN A 94 17.04 25.85 -17.12
CA ASN A 94 18.37 26.42 -17.33
C ASN A 94 19.35 25.38 -17.88
N ASP A 95 20.24 25.82 -18.79
CA ASP A 95 21.14 24.90 -19.49
C ASP A 95 22.13 24.19 -18.56
N ILE A 96 22.56 24.88 -17.49
CA ILE A 96 23.45 24.29 -16.50
C ILE A 96 22.77 23.11 -15.81
N THR A 97 21.51 23.30 -15.43
CA THR A 97 20.73 22.26 -14.79
C THR A 97 20.55 21.06 -15.72
N LYS A 98 20.30 21.33 -17.00
CA LYS A 98 20.09 20.28 -17.98
C LYS A 98 21.35 19.45 -18.22
N ASP A 99 22.51 20.05 -17.98
CA ASP A 99 23.77 19.36 -18.22
C ASP A 99 24.18 18.49 -17.03
N ASN A 100 23.56 18.74 -15.88
CA ASN A 100 23.88 17.99 -14.67
C ASN A 100 22.74 17.10 -14.19
N THR A 101 22.50 16.02 -14.95
CA THR A 101 21.40 15.09 -14.68
C THR A 101 21.56 14.32 -13.37
N GLU A 102 22.69 14.51 -12.70
CA GLU A 102 22.93 13.88 -11.41
C GLU A 102 22.25 14.63 -10.26
N TRP A 103 21.73 15.82 -10.56
CA TRP A 103 20.98 16.59 -9.59
C TRP A 103 19.55 16.05 -9.50
N LYS A 104 19.36 15.04 -8.65
CA LYS A 104 18.12 14.27 -8.60
C LYS A 104 16.83 15.09 -8.53
N LYS A 105 16.81 16.13 -7.70
CA LYS A 105 15.60 16.93 -7.52
C LYS A 105 15.14 17.63 -8.79
N LEU A 106 16.06 17.81 -9.72
CA LEU A 106 15.76 18.53 -10.95
C LEU A 106 15.66 17.61 -12.17
N HIS A 107 15.72 16.30 -11.93
CA HIS A 107 15.68 15.33 -13.02
C HIS A 107 14.84 14.09 -12.66
N ALA A 108 14.10 14.18 -11.57
CA ALA A 108 13.27 13.08 -11.10
C ALA A 108 11.89 13.60 -10.71
N PRO A 109 10.90 12.69 -10.56
CA PRO A 109 9.58 13.12 -10.09
C PRO A 109 9.63 13.70 -8.68
N SER A 110 9.91 15.00 -8.57
CA SER A 110 9.99 15.66 -7.28
C SER A 110 8.85 16.65 -7.10
N ARG A 111 8.57 17.00 -5.84
CA ARG A 111 7.59 18.04 -5.55
C ARG A 111 8.06 19.35 -6.17
N LEU A 112 9.38 19.52 -6.17
CA LEU A 112 10.00 20.75 -6.65
C LEU A 112 9.81 20.93 -8.15
N LEU A 113 9.94 19.83 -8.90
CA LEU A 113 9.73 19.88 -10.34
C LEU A 113 8.26 20.10 -10.71
N TYR A 114 7.36 19.59 -9.88
CA TYR A 114 5.93 19.75 -10.14
C TYR A 114 5.53 21.21 -9.95
N MET A 115 6.05 21.82 -8.90
CA MET A 115 5.79 23.23 -8.63
C MET A 115 6.40 24.11 -9.72
N ALA A 116 7.58 23.72 -10.19
CA ALA A 116 8.26 24.43 -11.27
C ALA A 116 7.43 24.41 -12.54
N GLY A 117 6.88 23.25 -12.87
CA GLY A 117 6.11 23.09 -14.09
C GLY A 117 4.74 23.76 -14.06
N SER A 118 4.39 24.36 -12.92
CA SER A 118 3.09 25.01 -12.77
C SER A 118 3.22 26.53 -12.83
N ALA A 119 4.29 27.02 -13.45
CA ALA A 119 4.62 28.45 -13.38
C ALA A 119 4.22 29.26 -14.60
N THR A 120 4.05 28.61 -15.75
CA THR A 120 3.63 29.33 -16.95
C THR A 120 2.44 28.62 -17.60
N THR A 121 2.08 29.06 -18.80
CA THR A 121 1.05 28.37 -19.58
C THR A 121 1.63 27.89 -20.91
N ASP A 122 2.91 28.17 -21.12
CA ASP A 122 3.62 27.70 -22.30
C ASP A 122 4.08 26.26 -22.12
N LEU A 123 3.47 25.35 -22.88
CA LEU A 123 3.81 23.93 -22.81
C LEU A 123 5.20 23.66 -23.38
N SER A 124 5.69 24.55 -24.23
CA SER A 124 7.04 24.44 -24.80
C SER A 124 8.11 24.35 -23.72
N LYS A 125 7.88 24.98 -22.57
CA LYS A 125 8.84 24.98 -21.48
C LYS A 125 8.45 24.04 -20.34
N LYS A 126 7.54 23.11 -20.63
CA LYS A 126 7.11 22.13 -19.63
C LYS A 126 7.33 20.70 -20.11
N ILE A 127 7.81 20.56 -21.35
CA ILE A 127 7.97 19.24 -21.97
C ILE A 127 8.96 18.36 -21.22
N GLY A 128 10.19 18.85 -21.10
CA GLY A 128 11.22 18.13 -20.35
C GLY A 128 10.83 17.90 -18.92
N ILE A 129 10.28 18.94 -18.29
CA ILE A 129 9.82 18.86 -16.91
C ILE A 129 8.77 17.75 -16.76
N ALA A 130 7.78 17.74 -17.65
CA ALA A 130 6.72 16.73 -17.61
C ALA A 130 7.28 15.32 -17.77
N HIS A 131 8.22 15.15 -18.70
CA HIS A 131 8.84 13.85 -18.95
C HIS A 131 9.59 13.32 -17.73
N LYS A 132 10.28 14.22 -17.02
CA LYS A 132 11.02 13.84 -15.82
C LYS A 132 10.10 13.44 -14.67
N ILE A 133 8.87 13.94 -14.71
CA ILE A 133 7.89 13.66 -13.66
C ILE A 133 7.10 12.38 -13.92
N MET A 134 6.79 12.12 -15.18
CA MET A 134 6.00 10.96 -15.57
C MET A 134 6.79 9.65 -15.49
N GLU A 149 2.47 16.19 -22.86
CA GLU A 149 1.54 15.91 -21.78
C GLU A 149 1.42 17.08 -20.80
N ASN A 150 0.20 17.49 -20.49
CA ASN A 150 -0.03 18.62 -19.61
C ASN A 150 -0.57 18.20 -18.24
N LEU A 151 0.35 17.89 -17.33
CA LEU A 151 0.03 17.43 -15.98
C LEU A 151 -0.76 18.45 -15.16
N TRP A 152 -0.69 19.71 -15.58
CA TRP A 152 -1.23 20.80 -14.78
C TRP A 152 -2.56 21.33 -15.30
N CYS A 153 -3.13 20.63 -16.28
CA CYS A 153 -4.44 20.98 -16.82
C CYS A 153 -5.52 20.73 -15.78
N GLY A 154 -6.51 21.61 -15.73
CA GLY A 154 -7.59 21.49 -14.76
C GLY A 154 -8.76 20.69 -15.29
N ALA A 155 -8.57 20.03 -16.42
CA ALA A 155 -9.63 19.23 -17.04
C ALA A 155 -9.12 17.83 -17.39
N ARG A 156 -8.04 17.42 -16.73
CA ARG A 156 -7.48 16.08 -16.92
C ARG A 156 -8.39 14.99 -16.34
N MET A 157 -8.82 14.07 -17.20
CA MET A 157 -9.53 12.88 -16.75
C MET A 157 -8.51 11.91 -16.17
N LEU A 158 -8.54 11.72 -14.85
CA LEU A 158 -7.54 10.91 -14.15
C LEU A 158 -7.42 9.48 -14.65
N SER A 159 -6.19 8.99 -14.74
CA SER A 159 -5.95 7.59 -15.09
C SER A 159 -6.13 6.73 -13.85
N SER A 160 -6.25 5.42 -14.06
CA SER A 160 -6.47 4.49 -12.95
C SER A 160 -5.27 4.40 -12.01
N ASP A 161 -4.07 4.33 -12.57
CA ASP A 161 -2.85 4.21 -11.76
C ASP A 161 -2.63 5.46 -10.89
N GLU A 162 -2.87 6.63 -11.47
CA GLU A 162 -2.72 7.89 -10.76
C GLU A 162 -3.70 7.96 -9.60
N LEU A 163 -4.91 7.47 -9.85
CA LEU A 163 -5.96 7.45 -8.84
C LEU A 163 -5.68 6.36 -7.80
N ALA A 164 -5.17 5.23 -8.26
CA ALA A 164 -4.83 4.12 -7.37
C ALA A 164 -3.77 4.52 -6.36
N ALA A 165 -2.77 5.27 -6.82
CA ALA A 165 -1.68 5.70 -5.96
C ALA A 165 -2.18 6.65 -4.87
N ALA A 166 -3.00 7.62 -5.27
CA ALA A 166 -3.48 8.65 -4.37
C ALA A 166 -4.50 8.13 -3.34
N THR A 167 -5.49 7.38 -3.82
CA THR A 167 -6.57 6.90 -2.96
C THR A 167 -6.11 5.87 -1.93
N GLN A 168 -5.07 5.11 -2.26
CA GLN A 168 -4.54 4.09 -1.34
C GLN A 168 -3.49 4.66 -0.39
N GLY A 169 -2.77 5.67 -0.84
CA GLY A 169 -1.83 6.36 0.04
C GLY A 169 -2.57 7.16 1.08
N LEU A 170 -3.74 7.65 0.69
CA LEU A 170 -4.61 8.46 1.54
C LEU A 170 -5.09 7.71 2.78
N VAL A 171 -5.26 6.39 2.65
CA VAL A 171 -5.84 5.58 3.72
C VAL A 171 -4.86 4.64 4.40
N GLN A 172 -3.57 4.95 4.32
CA GLN A 172 -2.54 4.12 4.96
C GLN A 172 -2.67 4.16 6.48
N GLU A 173 -3.16 5.27 7.01
CA GLU A 173 -3.32 5.42 8.46
C GLU A 173 -4.77 5.19 8.90
N SER A 174 -5.53 4.44 8.09
CA SER A 174 -6.92 4.13 8.40
C SER A 174 -7.23 2.66 8.13
N PRO A 175 -6.83 1.78 9.07
CA PRO A 175 -6.94 0.32 8.92
C PRO A 175 -8.35 -0.19 8.64
N LEU A 176 -9.37 0.55 9.07
CA LEU A 176 -10.76 0.14 8.87
C LEU A 176 -11.30 0.52 7.48
N LEU A 177 -10.55 1.35 6.77
CA LEU A 177 -10.97 1.83 5.45
C LEU A 177 -10.11 1.25 4.32
N SER A 178 -10.72 0.40 3.50
CA SER A 178 -10.00 -0.28 2.42
C SER A 178 -10.39 0.24 1.04
N VAL A 179 -9.40 0.61 0.24
CA VAL A 179 -9.63 1.09 -1.12
C VAL A 179 -9.04 0.11 -2.13
N ASN A 180 -9.77 -0.18 -3.19
CA ASN A 180 -9.33 -1.13 -4.20
C ASN A 180 -8.90 -0.46 -5.49
N TYR A 181 -8.18 -1.22 -6.34
CA TYR A 181 -7.69 -0.68 -7.60
C TYR A 181 -8.84 -0.32 -8.52
N PRO A 182 -8.77 0.87 -9.13
CA PRO A 182 -9.81 1.38 -10.03
C PRO A 182 -10.03 0.48 -11.23
N ILE A 183 -11.28 0.14 -11.50
CA ILE A 183 -11.62 -0.75 -12.60
C ILE A 183 -12.70 -0.15 -13.49
N GLY A 184 -12.97 -0.81 -14.61
CA GLY A 184 -14.12 -0.45 -15.42
C GLY A 184 -15.28 -1.35 -15.02
N LEU A 185 -16.51 -0.89 -15.25
CA LEU A 185 -17.68 -1.67 -14.90
C LEU A 185 -17.83 -2.88 -15.82
N ILE A 186 -17.73 -2.65 -17.12
CA ILE A 186 -17.90 -3.71 -18.10
C ILE A 186 -16.67 -3.82 -19.00
N HIS A 187 -16.19 -5.05 -19.19
CA HIS A 187 -15.04 -5.28 -20.06
C HIS A 187 -15.46 -5.15 -21.52
N PRO A 188 -14.70 -4.37 -22.30
CA PRO A 188 -15.05 -4.01 -23.69
C PRO A 188 -15.16 -5.20 -24.63
N THR A 189 -14.25 -6.15 -24.54
CA THR A 189 -14.19 -7.24 -25.51
C THR A 189 -14.87 -8.54 -25.05
N THR A 190 -15.50 -8.52 -23.88
CA THR A 190 -16.20 -9.71 -23.39
C THR A 190 -17.52 -9.41 -22.68
N LYS A 191 -17.79 -8.12 -22.45
CA LYS A 191 -19.02 -7.66 -21.81
C LYS A 191 -19.27 -8.33 -20.45
N GLU A 192 -18.20 -8.53 -19.69
CA GLU A 192 -18.30 -9.14 -18.37
C GLU A 192 -18.23 -8.09 -17.26
N ASN A 193 -19.04 -8.29 -16.22
CA ASN A 193 -19.03 -7.39 -15.07
C ASN A 193 -17.74 -7.56 -14.26
N ILE A 194 -16.87 -6.58 -14.33
CA ILE A 194 -15.59 -6.62 -13.63
C ILE A 194 -15.78 -6.32 -12.15
N LEU A 195 -16.72 -5.44 -11.84
CA LEU A 195 -17.07 -5.15 -10.44
C LEU A 195 -17.56 -6.41 -9.73
N SER A 196 -18.22 -7.29 -10.50
CA SER A 196 -18.64 -8.58 -9.98
C SER A 196 -17.46 -9.48 -9.66
N THR A 197 -16.40 -9.37 -10.46
CA THR A 197 -15.21 -10.20 -10.28
C THR A 197 -14.26 -9.63 -9.22
N GLN A 198 -14.10 -8.31 -9.20
CA GLN A 198 -13.25 -7.67 -8.20
C GLN A 198 -13.79 -7.92 -6.79
N LEU A 199 -15.11 -7.83 -6.65
CA LEU A 199 -15.78 -8.13 -5.38
C LEU A 199 -15.48 -9.56 -4.92
N LEU A 200 -15.74 -10.51 -5.81
CA LEU A 200 -15.50 -11.93 -5.54
C LEU A 200 -14.06 -12.19 -5.08
N GLU A 201 -13.11 -11.56 -5.76
CA GLU A 201 -11.70 -11.78 -5.48
C GLU A 201 -11.30 -11.13 -4.15
N LYS A 202 -11.85 -9.95 -3.87
CA LYS A 202 -11.58 -9.27 -2.61
C LYS A 202 -12.13 -10.07 -1.43
N ILE A 203 -13.32 -10.63 -1.61
CA ILE A 203 -13.94 -11.47 -0.60
C ILE A 203 -13.10 -12.71 -0.32
N ALA A 204 -12.61 -13.33 -1.39
CA ALA A 204 -11.79 -14.54 -1.27
C ALA A 204 -10.40 -14.24 -0.73
N GLN A 205 -9.87 -13.07 -1.06
CA GLN A 205 -8.50 -12.71 -0.68
C GLN A 205 -8.36 -12.13 0.72
N SER A 206 -9.36 -11.39 1.17
CA SER A 206 -9.24 -10.68 2.45
C SER A 206 -10.58 -10.36 3.10
N GLY A 207 -11.67 -10.63 2.39
CA GLY A 207 -12.99 -10.28 2.88
C GLY A 207 -13.25 -8.79 2.75
N LEU A 208 -14.45 -8.36 3.14
CA LEU A 208 -14.80 -6.95 3.06
C LEU A 208 -14.53 -6.24 4.40
N SER A 209 -13.72 -5.19 4.36
CA SER A 209 -13.41 -4.42 5.56
C SER A 209 -14.63 -3.65 6.05
N HIS A 210 -14.47 -2.94 7.17
CA HIS A 210 -15.52 -2.11 7.74
C HIS A 210 -16.10 -1.18 6.67
N ASN A 211 -15.20 -0.51 5.96
CA ASN A 211 -15.57 0.25 4.77
C ASN A 211 -14.75 -0.26 3.57
N GLU A 212 -15.44 -0.70 2.53
CA GLU A 212 -14.78 -1.13 1.30
C GLU A 212 -15.11 -0.19 0.16
N VAL A 213 -14.08 0.49 -0.35
CA VAL A 213 -14.26 1.41 -1.47
C VAL A 213 -13.88 0.76 -2.79
N PHE A 214 -14.79 0.84 -3.76
CA PHE A 214 -14.49 0.40 -5.11
C PHE A 214 -14.66 1.59 -6.06
N LEU A 215 -13.67 1.82 -6.91
CA LEU A 215 -13.72 2.92 -7.86
C LEU A 215 -13.96 2.35 -9.25
N VAL A 216 -15.08 2.71 -9.85
CA VAL A 216 -15.53 2.08 -11.08
C VAL A 216 -15.72 3.08 -12.21
N ASN A 217 -15.18 2.77 -13.38
CA ASN A 217 -15.29 3.65 -14.53
C ASN A 217 -16.40 3.25 -15.50
N THR A 218 -17.19 4.22 -15.93
CA THR A 218 -18.27 4.00 -16.89
C THR A 218 -18.12 4.94 -18.08
N GLY A 219 -16.99 4.84 -18.77
CA GLY A 219 -16.69 5.72 -19.89
C GLY A 219 -15.80 6.88 -19.47
N ASP A 220 -16.43 8.01 -19.17
CA ASP A 220 -15.72 9.20 -18.71
C ASP A 220 -15.82 9.30 -17.19
N HIS A 221 -16.69 8.52 -16.59
CA HIS A 221 -17.04 8.74 -15.19
C HIS A 221 -16.44 7.76 -14.18
N TRP A 222 -15.90 8.29 -13.09
CA TRP A 222 -15.48 7.49 -11.94
C TRP A 222 -16.61 7.47 -10.91
N LEU A 223 -17.01 6.28 -10.49
CA LEU A 223 -18.02 6.13 -9.45
C LEU A 223 -17.41 5.61 -8.16
N LEU A 224 -17.87 6.15 -7.03
CA LEU A 224 -17.43 5.65 -5.73
C LEU A 224 -18.43 4.66 -5.16
N CYS A 225 -18.03 3.39 -5.14
CA CYS A 225 -18.90 2.33 -4.63
C CYS A 225 -18.46 1.90 -3.25
N LEU A 226 -19.15 2.39 -2.23
CA LEU A 226 -18.80 2.08 -0.85
C LEU A 226 -19.64 0.94 -0.27
N PHE A 227 -18.97 -0.13 0.14
CA PHE A 227 -19.62 -1.23 0.85
C PHE A 227 -19.29 -1.12 2.33
N TYR A 228 -20.32 -0.94 3.15
CA TYR A 228 -20.13 -0.80 4.59
C TYR A 228 -21.15 -1.63 5.34
N LYS A 229 -20.75 -2.17 6.49
CA LYS A 229 -21.64 -3.01 7.28
C LYS A 229 -22.29 -2.21 8.40
N LEU A 230 -23.57 -2.47 8.62
CA LEU A 230 -24.29 -1.93 9.77
C LEU A 230 -24.73 -3.08 10.65
N ALA A 231 -23.78 -3.63 11.41
CA ALA A 231 -24.02 -4.75 12.30
C ALA A 231 -24.58 -5.96 11.57
N GLU A 232 -23.70 -6.76 10.97
CA GLU A 232 -24.07 -7.98 10.25
C GLU A 232 -25.01 -7.74 9.06
N LYS A 233 -25.19 -6.48 8.69
CA LYS A 233 -26.02 -6.12 7.54
C LYS A 233 -25.22 -5.30 6.54
N ILE A 234 -24.96 -5.87 5.37
CA ILE A 234 -24.21 -5.18 4.34
C ILE A 234 -25.07 -4.09 3.70
N LYS A 235 -24.52 -2.89 3.63
CA LYS A 235 -25.19 -1.77 2.98
C LYS A 235 -24.34 -1.30 1.81
N CYS A 236 -24.98 -0.95 0.71
CA CYS A 236 -24.25 -0.45 -0.45
C CYS A 236 -24.59 1.02 -0.72
N LEU A 237 -23.72 1.69 -1.46
CA LEU A 237 -23.83 3.13 -1.66
C LEU A 237 -23.02 3.51 -2.89
N ILE A 238 -23.68 4.17 -3.85
CA ILE A 238 -23.00 4.62 -5.07
C ILE A 238 -22.97 6.14 -5.12
N PHE A 239 -21.77 6.71 -5.23
CA PHE A 239 -21.62 8.16 -5.27
C PHE A 239 -21.31 8.65 -6.69
N ASN A 240 -22.29 9.32 -7.30
CA ASN A 240 -22.16 9.83 -8.66
C ASN A 240 -22.11 11.36 -8.65
N THR A 241 -21.04 11.91 -9.21
CA THR A 241 -20.81 13.34 -9.19
C THR A 241 -21.06 14.02 -10.54
N TYR A 242 -21.58 13.24 -11.48
CA TYR A 242 -21.88 13.76 -12.82
C TYR A 242 -23.37 13.61 -13.12
N TYR A 243 -23.73 13.54 -14.40
CA TYR A 243 -25.11 13.32 -14.79
C TYR A 243 -25.58 11.95 -14.32
N ASP A 244 -26.88 11.80 -14.15
CA ASP A 244 -27.45 10.55 -13.64
C ASP A 244 -27.17 9.35 -14.55
N LEU A 245 -27.33 8.15 -14.00
CA LEU A 245 -26.91 6.94 -14.69
C LEU A 245 -28.04 6.25 -15.45
N ASN A 246 -27.67 5.51 -16.50
CA ASN A 246 -28.63 4.68 -17.21
C ASN A 246 -29.07 3.51 -16.33
N GLU A 247 -30.32 3.09 -16.49
CA GLU A 247 -30.84 1.95 -15.72
C GLU A 247 -30.09 0.67 -16.09
N ASN A 248 -29.47 0.68 -17.27
CA ASN A 248 -28.62 -0.43 -17.69
C ASN A 248 -27.38 -0.56 -16.82
N THR A 249 -26.66 0.54 -16.66
CA THR A 249 -25.45 0.56 -15.83
C THR A 249 -25.80 0.40 -14.35
N LYS A 250 -26.94 0.95 -13.95
CA LYS A 250 -27.43 0.82 -12.58
C LYS A 250 -27.70 -0.64 -12.23
N GLN A 251 -28.25 -1.37 -13.19
CA GLN A 251 -28.58 -2.78 -13.01
C GLN A 251 -27.34 -3.66 -12.93
N GLU A 252 -26.35 -3.36 -13.77
CA GLU A 252 -25.08 -4.09 -13.77
C GLU A 252 -24.37 -3.93 -12.44
N ILE A 253 -24.51 -2.76 -11.84
CA ILE A 253 -23.95 -2.48 -10.52
C ILE A 253 -24.65 -3.31 -9.45
N ILE A 254 -25.98 -3.29 -9.49
CA ILE A 254 -26.79 -4.04 -8.53
C ILE A 254 -26.53 -5.54 -8.60
N GLU A 255 -26.40 -6.06 -9.81
CA GLU A 255 -26.06 -7.47 -10.01
C GLU A 255 -24.76 -7.80 -9.28
N ALA A 256 -23.77 -6.91 -9.40
CA ALA A 256 -22.51 -7.06 -8.68
C ALA A 256 -22.72 -6.85 -7.18
N ALA A 257 -23.57 -5.88 -6.83
CA ALA A 257 -23.86 -5.58 -5.44
C ALA A 257 -24.44 -6.78 -4.68
N LYS A 258 -25.18 -7.62 -5.40
CA LYS A 258 -25.82 -8.78 -4.79
C LYS A 258 -24.82 -9.87 -4.39
N ILE A 259 -23.64 -9.84 -5.00
CA ILE A 259 -22.56 -10.77 -4.66
C ILE A 259 -22.04 -10.52 -3.25
N ALA A 260 -22.08 -9.26 -2.82
CA ALA A 260 -21.58 -8.87 -1.50
C ALA A 260 -22.62 -9.05 -0.40
N GLY A 261 -23.78 -9.61 -0.75
CA GLY A 261 -24.80 -9.90 0.23
C GLY A 261 -25.95 -8.91 0.27
N ILE A 262 -26.12 -8.14 -0.80
CA ILE A 262 -27.25 -7.22 -0.88
C ILE A 262 -28.47 -7.95 -1.42
N SER A 263 -29.57 -7.92 -0.66
CA SER A 263 -30.75 -8.73 -0.96
C SER A 263 -31.44 -8.37 -2.27
N GLU A 264 -32.16 -7.25 -2.28
CA GLU A 264 -32.88 -6.81 -3.48
C GLU A 264 -32.34 -5.45 -3.96
N SER A 265 -32.57 -5.16 -5.24
CA SER A 265 -32.07 -3.94 -5.89
C SER A 265 -32.42 -2.63 -5.18
N ASP A 266 -33.48 -2.64 -4.40
CA ASP A 266 -33.94 -1.43 -3.71
C ASP A 266 -33.00 -1.00 -2.58
N GLU A 267 -32.15 -1.92 -2.13
CA GLU A 267 -31.25 -1.63 -1.02
C GLU A 267 -29.99 -0.87 -1.44
N VAL A 268 -29.74 -0.82 -2.75
CA VAL A 268 -28.61 -0.04 -3.26
C VAL A 268 -28.98 1.45 -3.31
N ASN A 269 -28.20 2.27 -2.63
CA ASN A 269 -28.46 3.70 -2.56
C ASN A 269 -27.60 4.51 -3.55
N PHE A 270 -28.24 4.99 -4.61
CA PHE A 270 -27.55 5.83 -5.58
C PHE A 270 -27.65 7.31 -5.20
N ILE A 271 -26.53 7.88 -4.81
CA ILE A 271 -26.46 9.32 -4.56
C ILE A 271 -25.90 9.99 -5.80
N GLU A 272 -26.73 10.79 -6.46
CA GLU A 272 -26.35 11.40 -7.73
C GLU A 272 -26.58 12.90 -7.74
N MET A 273 -25.49 13.66 -7.69
CA MET A 273 -25.54 15.11 -7.79
C MET A 273 -24.42 15.60 -8.69
N ASN A 274 -24.76 16.32 -9.75
CA ASN A 274 -23.75 16.83 -10.67
C ASN A 274 -22.96 17.98 -10.05
N LEU A 275 -21.67 17.74 -9.82
CA LEU A 275 -20.80 18.74 -9.21
C LEU A 275 -19.72 19.20 -10.18
N GLN A 276 -19.72 18.63 -11.38
CA GLN A 276 -18.60 18.82 -12.32
C GLN A 276 -18.81 19.92 -13.35
N ASN A 277 -19.60 20.93 -13.01
CA ASN A 277 -19.75 22.09 -13.91
C ASN A 277 -18.48 22.94 -13.91
N ASN A 278 -18.05 23.37 -12.72
CA ASN A 278 -16.84 24.15 -12.58
C ASN A 278 -15.64 23.28 -12.22
N VAL A 279 -15.87 21.98 -12.15
CA VAL A 279 -14.80 21.01 -11.93
C VAL A 279 -14.84 19.95 -13.03
N PRO A 280 -14.35 20.32 -14.23
CA PRO A 280 -14.40 19.44 -15.40
C PRO A 280 -13.62 18.14 -15.18
N ASN A 281 -14.24 17.01 -15.53
CA ASN A 281 -13.62 15.69 -15.35
C ASN A 281 -13.13 15.44 -13.93
N GLY A 282 -13.83 16.01 -12.95
CA GLY A 282 -13.41 15.93 -11.56
C GLY A 282 -13.99 14.74 -10.81
N CYS A 283 -14.50 13.75 -11.56
CA CYS A 283 -15.09 12.56 -10.96
C CYS A 283 -14.11 11.84 -10.05
N GLY A 284 -12.84 11.75 -10.46
CA GLY A 284 -11.81 11.13 -9.65
C GLY A 284 -11.39 12.00 -8.47
N LEU A 285 -11.50 13.32 -8.66
CA LEU A 285 -11.17 14.28 -7.61
C LEU A 285 -12.13 14.12 -6.44
N PHE A 286 -13.41 13.95 -6.76
CA PHE A 286 -14.42 13.79 -5.74
C PHE A 286 -14.33 12.42 -5.07
N CYS A 287 -13.88 11.42 -5.82
CA CYS A 287 -13.65 10.10 -5.24
C CYS A 287 -12.56 10.18 -4.17
N TYR A 288 -11.47 10.89 -4.49
CA TYR A 288 -10.37 11.08 -3.57
C TYR A 288 -10.79 11.85 -2.31
N HIS A 289 -11.41 13.02 -2.50
CA HIS A 289 -11.82 13.86 -1.38
C HIS A 289 -12.86 13.18 -0.50
N THR A 290 -13.70 12.35 -1.12
CA THR A 290 -14.74 11.60 -0.41
C THR A 290 -14.13 10.58 0.56
N ILE A 291 -13.15 9.83 0.08
CA ILE A 291 -12.46 8.84 0.89
C ILE A 291 -11.74 9.51 2.07
N GLN A 292 -11.27 10.73 1.84
CA GLN A 292 -10.66 11.52 2.91
C GLN A 292 -11.68 11.89 3.98
N LEU A 293 -12.89 12.25 3.55
CA LEU A 293 -13.98 12.59 4.47
C LEU A 293 -14.37 11.40 5.36
N LEU A 294 -14.41 10.22 4.75
CA LEU A 294 -14.77 9.00 5.45
C LEU A 294 -13.70 8.60 6.45
N SER A 295 -12.44 8.89 6.10
CA SER A 295 -11.31 8.53 6.96
C SER A 295 -11.26 9.38 8.22
N ASN A 296 -11.79 10.61 8.15
CA ASN A 296 -11.73 11.55 9.27
C ASN A 296 -13.03 11.68 10.03
N ALA A 297 -14.06 10.97 9.59
CA ALA A 297 -15.34 10.95 10.27
C ALA A 297 -15.80 9.51 10.45
N GLY A 298 -14.89 8.65 10.88
CA GLY A 298 -15.13 7.23 11.02
C GLY A 298 -16.42 6.84 11.72
N GLN A 299 -16.68 7.45 12.87
CA GLN A 299 -17.90 7.17 13.62
C GLN A 299 -19.07 8.04 13.17
N ASN A 300 -19.58 7.75 11.97
CA ASN A 300 -20.72 8.47 11.40
C ASN A 300 -21.43 7.64 10.33
N ASP A 301 -22.37 8.27 9.62
CA ASP A 301 -23.09 7.60 8.54
C ASP A 301 -22.58 8.08 7.18
N PRO A 302 -22.04 7.15 6.37
CA PRO A 302 -21.44 7.42 5.06
C PRO A 302 -22.39 8.18 4.13
N ALA A 303 -23.65 7.76 4.11
CA ALA A 303 -24.65 8.37 3.24
C ALA A 303 -24.90 9.84 3.59
N THR A 304 -24.85 10.13 4.88
CA THR A 304 -25.03 11.51 5.36
C THR A 304 -23.79 12.34 5.08
N THR A 305 -22.63 11.77 5.43
CA THR A 305 -21.34 12.42 5.21
C THR A 305 -21.18 12.89 3.76
N LEU A 306 -21.56 12.01 2.83
CA LEU A 306 -21.38 12.26 1.40
C LEU A 306 -22.44 13.20 0.84
N ARG A 307 -23.70 12.97 1.21
CA ARG A 307 -24.80 13.78 0.71
C ARG A 307 -24.68 15.22 1.20
N GLU A 308 -24.24 15.40 2.43
CA GLU A 308 -24.02 16.73 2.99
C GLU A 308 -22.89 17.45 2.26
N PHE A 309 -21.84 16.71 1.89
CA PHE A 309 -20.74 17.28 1.12
C PHE A 309 -21.22 17.77 -0.25
N ALA A 310 -21.90 16.88 -0.97
CA ALA A 310 -22.36 17.19 -2.32
C ALA A 310 -23.30 18.38 -2.36
N GLU A 311 -24.21 18.44 -1.39
CA GLU A 311 -25.14 19.56 -1.28
C GLU A 311 -24.41 20.86 -0.91
N ASN A 312 -23.49 20.76 0.04
CA ASN A 312 -22.70 21.93 0.46
C ASN A 312 -21.78 22.42 -0.66
N PHE A 313 -21.34 21.49 -1.51
CA PHE A 313 -20.41 21.85 -2.57
C PHE A 313 -21.08 22.71 -3.63
N LEU A 314 -22.39 22.54 -3.79
CA LEU A 314 -23.14 23.30 -4.78
C LEU A 314 -23.44 24.73 -4.31
N THR A 315 -23.30 24.97 -3.02
CA THR A 315 -23.55 26.31 -2.47
C THR A 315 -22.29 27.17 -2.52
N LEU A 316 -21.18 26.57 -2.92
CA LEU A 316 -19.91 27.29 -3.03
C LEU A 316 -19.85 28.14 -4.29
N SER A 317 -19.00 29.16 -4.28
CA SER A 317 -18.79 30.01 -5.44
C SER A 317 -17.98 29.30 -6.52
N VAL A 318 -17.97 29.86 -7.72
CA VAL A 318 -17.22 29.29 -8.85
C VAL A 318 -15.72 29.24 -8.53
N GLU A 319 -15.25 30.25 -7.80
CA GLU A 319 -13.84 30.32 -7.44
C GLU A 319 -13.48 29.28 -6.37
N GLU A 320 -14.35 29.11 -5.38
CA GLU A 320 -14.15 28.11 -4.34
C GLU A 320 -14.10 26.70 -4.92
N GLN A 321 -14.87 26.48 -5.99
CA GLN A 321 -14.90 25.19 -6.67
C GLN A 321 -13.68 24.99 -7.55
N ALA A 322 -13.27 26.06 -8.24
CA ALA A 322 -12.08 26.02 -9.09
C ALA A 322 -10.81 25.86 -8.23
N LEU A 323 -10.88 26.32 -6.99
CA LEU A 323 -9.78 26.17 -6.05
C LEU A 323 -9.72 24.74 -5.55
N PHE A 324 -10.89 24.13 -5.35
CA PHE A 324 -10.98 22.74 -4.96
C PHE A 324 -10.40 21.87 -6.07
N ASN A 325 -10.77 22.21 -7.31
CA ASN A 325 -10.25 21.53 -8.48
C ASN A 325 -8.72 21.51 -8.47
N THR A 326 -8.13 22.70 -8.35
CA THR A 326 -6.68 22.85 -8.37
C THR A 326 -5.99 22.15 -7.19
N GLN A 327 -6.46 22.42 -5.98
CA GLN A 327 -5.82 21.88 -4.77
C GLN A 327 -5.89 20.36 -4.69
N THR A 328 -7.04 19.79 -5.04
CA THR A 328 -7.22 18.34 -4.97
C THR A 328 -6.34 17.64 -6.00
N ARG A 329 -6.21 18.24 -7.19
CA ARG A 329 -5.36 17.69 -8.24
C ARG A 329 -3.89 17.67 -7.84
N ARG A 330 -3.46 18.72 -7.13
CA ARG A 330 -2.08 18.80 -6.67
C ARG A 330 -1.79 17.86 -5.51
N GLN A 331 -2.78 17.66 -4.63
CA GLN A 331 -2.63 16.75 -3.51
C GLN A 331 -2.67 15.30 -3.98
N ILE A 332 -3.35 15.06 -5.09
CA ILE A 332 -3.46 13.74 -5.67
C ILE A 332 -2.17 13.33 -6.36
N TYR A 333 -1.58 14.24 -7.12
CA TYR A 333 -0.38 13.92 -7.88
C TYR A 333 0.87 13.79 -7.00
N GLU A 334 0.76 14.27 -5.76
CA GLU A 334 1.88 14.19 -4.82
C GLU A 334 2.28 12.73 -4.56
N TYR A 335 1.29 11.83 -4.65
CA TYR A 335 1.55 10.40 -4.43
C TYR A 335 2.28 9.78 -5.62
N SER A 336 2.26 10.49 -6.75
CA SER A 336 2.99 10.04 -7.93
C SER A 336 4.34 10.73 -8.00
N LEU A 337 4.74 11.35 -6.89
CA LEU A 337 6.04 11.99 -6.75
C LEU A 337 6.83 11.30 -5.64
N GLN A 338 8.13 11.57 -5.59
CA GLN A 338 9.00 10.98 -4.57
C GLN A 338 8.84 11.65 -3.21
N HIS B 6 25.84 8.02 -2.67
CA HIS B 6 26.49 6.92 -3.39
C HIS B 6 25.85 6.66 -4.75
N HIS B 7 26.67 6.68 -5.80
CA HIS B 7 26.20 6.34 -7.13
C HIS B 7 26.23 4.84 -7.35
N HIS B 8 25.08 4.20 -7.26
CA HIS B 8 24.98 2.76 -7.37
C HIS B 8 25.41 2.25 -8.75
N HIS B 9 26.17 1.16 -8.74
CA HIS B 9 26.62 0.46 -9.95
C HIS B 9 27.67 1.20 -10.78
N HIS B 10 28.35 2.17 -10.18
CA HIS B 10 29.44 2.86 -10.86
C HIS B 10 30.67 1.95 -10.90
N SER B 11 30.66 0.92 -10.06
CA SER B 11 31.78 -0.02 -10.00
C SER B 11 31.33 -1.45 -10.32
N SER B 12 30.04 -1.62 -10.60
CA SER B 12 29.46 -2.94 -10.82
C SER B 12 29.77 -3.55 -12.17
N GLY B 13 30.09 -2.71 -13.16
CA GLY B 13 30.37 -3.17 -14.51
C GLY B 13 29.26 -4.02 -15.08
N LEU B 14 28.04 -3.50 -15.02
CA LEU B 14 26.86 -4.20 -15.52
C LEU B 14 27.02 -4.63 -16.98
N GLU B 15 26.57 -5.85 -17.28
CA GLU B 15 26.67 -6.46 -18.62
C GLU B 15 28.09 -6.90 -19.03
N VAL B 16 29.07 -6.64 -18.16
CA VAL B 16 30.47 -6.95 -18.48
C VAL B 16 31.12 -7.89 -17.47
N LEU B 17 31.11 -7.49 -16.21
CA LEU B 17 31.78 -8.25 -15.15
C LEU B 17 30.97 -9.47 -14.70
N PHE B 18 31.66 -10.58 -14.47
CA PHE B 18 31.06 -11.78 -13.90
C PHE B 18 29.90 -12.34 -14.73
N GLN B 19 30.10 -12.37 -16.05
CA GLN B 19 29.12 -12.90 -16.97
C GLN B 19 29.33 -14.39 -17.19
N GLY B 20 30.46 -14.90 -16.72
CA GLY B 20 30.77 -16.32 -16.85
C GLY B 20 30.58 -17.07 -15.56
N PRO B 21 31.25 -18.22 -15.43
CA PRO B 21 31.20 -19.01 -14.19
C PRO B 21 31.92 -18.30 -13.05
N VAL B 22 31.38 -18.39 -11.85
CA VAL B 22 31.97 -17.76 -10.67
C VAL B 22 32.34 -18.81 -9.63
N SER B 23 33.56 -18.73 -9.11
CA SER B 23 34.03 -19.67 -8.11
C SER B 23 33.39 -19.43 -6.76
N ASP B 24 33.26 -20.48 -5.96
CA ASP B 24 32.71 -20.37 -4.60
C ASP B 24 33.64 -19.55 -3.72
N GLU B 25 34.91 -19.46 -4.11
CA GLU B 25 35.89 -18.67 -3.37
C GLU B 25 35.66 -17.18 -3.56
N ALA B 26 35.32 -16.77 -4.79
CA ALA B 26 35.05 -15.37 -5.09
C ALA B 26 33.73 -14.93 -4.47
N LEU B 27 32.79 -15.86 -4.40
CA LEU B 27 31.47 -15.60 -3.83
C LEU B 27 31.57 -15.41 -2.31
N THR B 28 32.44 -16.20 -1.69
CA THR B 28 32.67 -16.14 -0.25
C THR B 28 33.29 -14.80 0.15
N LEU B 29 34.15 -14.26 -0.70
CA LEU B 29 34.80 -12.99 -0.46
C LEU B 29 33.80 -11.84 -0.47
N LEU B 30 32.89 -11.88 -1.45
CA LEU B 30 31.91 -10.82 -1.63
C LEU B 30 30.80 -10.89 -0.57
N PHE B 31 30.37 -12.11 -0.26
CA PHE B 31 29.33 -12.33 0.74
C PHE B 31 29.75 -11.80 2.11
N SER B 32 31.00 -12.03 2.47
CA SER B 32 31.52 -11.59 3.76
C SER B 32 31.63 -10.07 3.79
N ALA B 33 32.08 -9.48 2.69
CA ALA B 33 32.20 -8.03 2.59
C ALA B 33 30.84 -7.35 2.67
N VAL B 34 29.83 -7.99 2.09
CA VAL B 34 28.46 -7.48 2.12
C VAL B 34 27.88 -7.54 3.52
N GLU B 35 28.14 -8.64 4.23
CA GLU B 35 27.72 -8.79 5.62
C GLU B 35 28.27 -7.68 6.50
N ASN B 36 29.42 -7.11 6.09
CA ASN B 36 29.99 -5.97 6.79
C ASN B 36 29.53 -4.65 6.18
N GLY B 37 28.55 -4.71 5.29
CA GLY B 37 27.87 -3.53 4.79
C GLY B 37 28.59 -2.72 3.73
N ASP B 38 29.46 -3.37 2.94
CA ASP B 38 30.16 -2.67 1.88
C ASP B 38 29.23 -2.40 0.70
N GLN B 39 28.96 -1.11 0.45
CA GLN B 39 27.98 -0.71 -0.55
C GLN B 39 28.34 -1.15 -1.98
N ASN B 40 29.61 -0.99 -2.35
CA ASN B 40 30.06 -1.36 -3.68
C ASN B 40 29.97 -2.86 -3.97
N CYS B 41 30.21 -3.68 -2.95
CA CYS B 41 30.07 -5.12 -3.11
C CYS B 41 28.60 -5.53 -3.15
N ILE B 42 27.75 -4.73 -2.52
CA ILE B 42 26.30 -4.94 -2.59
C ILE B 42 25.83 -4.70 -4.02
N ASP B 43 26.28 -3.60 -4.61
CA ASP B 43 25.96 -3.28 -6.00
C ASP B 43 26.41 -4.39 -6.93
N LEU B 44 27.62 -4.89 -6.70
CA LEU B 44 28.20 -5.95 -7.52
C LEU B 44 27.41 -7.26 -7.42
N LEU B 45 26.92 -7.57 -6.22
CA LEU B 45 26.13 -8.78 -6.02
C LEU B 45 24.75 -8.65 -6.66
N CYS B 46 24.22 -7.43 -6.71
CA CYS B 46 22.97 -7.16 -7.41
C CYS B 46 23.13 -7.43 -8.91
N ASN B 47 24.33 -7.18 -9.43
CA ASN B 47 24.66 -7.53 -10.80
C ASN B 47 24.59 -9.06 -10.98
N LEU B 48 25.24 -9.79 -10.09
CA LEU B 48 25.25 -11.25 -10.12
C LEU B 48 23.84 -11.84 -9.97
N ALA B 49 22.99 -11.16 -9.21
CA ALA B 49 21.66 -11.67 -8.90
C ALA B 49 20.71 -11.61 -10.10
N LEU B 50 21.05 -10.80 -11.09
CA LEU B 50 20.29 -10.72 -12.33
C LEU B 50 20.33 -12.04 -13.10
N ARG B 51 21.41 -12.79 -12.89
CA ARG B 51 21.64 -14.04 -13.62
C ARG B 51 20.51 -15.05 -13.41
N ASN B 52 20.03 -15.61 -14.52
CA ASN B 52 18.90 -16.54 -14.51
C ASN B 52 19.32 -17.99 -14.28
N ASP B 53 20.41 -18.17 -13.54
CA ASP B 53 20.89 -19.51 -13.20
C ASP B 53 20.93 -19.70 -11.70
N ASP B 54 21.43 -20.86 -11.25
CA ASP B 54 21.46 -21.19 -9.83
C ASP B 54 22.29 -20.20 -9.02
N LEU B 55 23.39 -19.73 -9.61
CA LEU B 55 24.25 -18.75 -8.96
C LEU B 55 23.49 -17.47 -8.67
N GLY B 56 22.83 -16.93 -9.70
CA GLY B 56 22.06 -15.71 -9.57
C GLY B 56 20.95 -15.85 -8.54
N HIS B 57 20.39 -17.05 -8.47
CA HIS B 57 19.29 -17.31 -7.53
C HIS B 57 19.81 -17.45 -6.11
N ARG B 58 21.02 -17.99 -5.96
CA ARG B 58 21.63 -18.11 -4.65
C ARG B 58 21.99 -16.74 -4.10
N VAL B 59 22.62 -15.92 -4.95
CA VAL B 59 22.99 -14.56 -4.59
C VAL B 59 21.74 -13.73 -4.26
N GLU B 60 20.70 -13.92 -5.07
CA GLU B 60 19.44 -13.21 -4.90
C GLU B 60 18.82 -13.52 -3.53
N LYS B 61 18.87 -14.78 -3.13
CA LYS B 61 18.34 -15.19 -1.84
C LYS B 61 19.18 -14.65 -0.69
N PHE B 62 20.48 -14.51 -0.93
CA PHE B 62 21.39 -14.00 0.08
C PHE B 62 21.11 -12.52 0.35
N LEU B 63 20.84 -11.80 -0.73
CA LEU B 63 20.55 -10.37 -0.64
C LEU B 63 19.23 -10.12 0.07
N PHE B 64 18.20 -10.89 -0.30
CA PHE B 64 16.88 -10.75 0.29
C PHE B 64 16.88 -11.08 1.78
N ASP B 65 17.66 -12.09 2.14
CA ASP B 65 17.76 -12.54 3.54
C ASP B 65 18.30 -11.44 4.47
N LEU B 66 19.28 -10.68 3.98
CA LEU B 66 19.82 -9.55 4.74
C LEU B 66 18.81 -8.41 4.79
N PHE B 67 17.98 -8.33 3.76
CA PHE B 67 17.02 -7.26 3.59
C PHE B 67 15.75 -7.52 4.41
N SER B 68 15.37 -8.79 4.53
CA SER B 68 14.18 -9.17 5.29
C SER B 68 14.50 -9.34 6.76
N GLY B 69 15.79 -9.36 7.09
CA GLY B 69 16.21 -9.55 8.47
C GLY B 69 16.44 -11.00 8.83
N LYS B 70 16.18 -11.90 7.88
CA LYS B 70 16.39 -13.34 8.11
C LYS B 70 17.87 -13.62 8.36
N ARG B 71 18.74 -12.80 7.78
CA ARG B 71 20.16 -12.80 8.10
C ARG B 71 20.52 -11.51 8.81
N THR B 72 21.23 -11.63 9.93
CA THR B 72 21.72 -10.46 10.65
C THR B 72 22.89 -9.83 9.87
N GLY B 73 22.88 -8.51 9.76
CA GLY B 73 23.92 -7.83 9.00
C GLY B 73 24.26 -6.44 9.53
N SER B 74 24.72 -5.58 8.63
CA SER B 74 25.11 -4.21 8.96
C SER B 74 23.94 -3.40 9.56
N SER B 75 24.25 -2.18 10.01
CA SER B 75 23.28 -1.32 10.69
C SER B 75 21.97 -1.14 9.92
N ASP B 76 22.06 -0.46 8.77
CA ASP B 76 20.89 -0.30 7.91
C ASP B 76 21.17 -0.91 6.53
N ILE B 77 21.68 -2.14 6.53
CA ILE B 77 22.00 -2.85 5.30
C ILE B 77 20.73 -3.04 4.47
N ASP B 78 19.60 -3.04 5.18
CA ASP B 78 18.26 -2.98 4.63
C ASP B 78 18.18 -2.08 3.40
N LYS B 79 18.54 -0.81 3.58
CA LYS B 79 18.37 0.22 2.57
C LYS B 79 19.52 0.28 1.56
N LYS B 80 20.67 -0.25 1.93
CA LYS B 80 21.81 -0.26 1.02
C LYS B 80 21.52 -1.19 -0.15
N ILE B 81 20.82 -2.28 0.15
CA ILE B 81 20.51 -3.31 -0.84
C ILE B 81 19.35 -2.95 -1.75
N ASN B 82 18.23 -2.53 -1.17
CA ASN B 82 17.04 -2.25 -1.97
C ASN B 82 17.22 -1.04 -2.91
N GLN B 83 18.03 -0.08 -2.48
CA GLN B 83 18.31 1.10 -3.30
C GLN B 83 19.15 0.71 -4.50
N ALA B 84 20.00 -0.29 -4.33
CA ALA B 84 20.80 -0.82 -5.43
C ALA B 84 19.90 -1.52 -6.44
N CYS B 85 18.87 -2.20 -5.93
CA CYS B 85 17.93 -2.92 -6.78
C CYS B 85 17.01 -1.97 -7.54
N LEU B 86 16.69 -0.84 -6.93
CA LEU B 86 15.84 0.17 -7.56
C LEU B 86 16.53 0.81 -8.77
N VAL B 87 17.82 1.12 -8.61
CA VAL B 87 18.60 1.68 -9.69
C VAL B 87 18.67 0.71 -10.87
N LEU B 88 18.80 -0.58 -10.58
CA LEU B 88 18.74 -1.61 -11.61
C LEU B 88 17.42 -1.54 -12.37
N HIS B 89 16.33 -1.32 -11.63
CA HIS B 89 15.01 -1.20 -12.22
C HIS B 89 14.93 0.03 -13.14
N GLN B 90 15.47 1.15 -12.67
CA GLN B 90 15.55 2.37 -13.48
C GLN B 90 16.29 2.11 -14.79
N ILE B 91 17.46 1.48 -14.68
CA ILE B 91 18.29 1.15 -15.84
C ILE B 91 17.55 0.21 -16.80
N ALA B 92 16.90 -0.80 -16.24
CA ALA B 92 16.17 -1.80 -17.02
C ALA B 92 15.01 -1.21 -17.82
N ASN B 93 14.45 -0.10 -17.34
CA ASN B 93 13.31 0.52 -18.00
C ASN B 93 13.65 1.72 -18.87
N ASN B 94 14.94 2.02 -18.99
CA ASN B 94 15.43 2.90 -20.04
C ASN B 94 15.71 2.03 -21.26
N ASP B 95 16.06 2.65 -22.38
CA ASP B 95 16.33 1.90 -23.60
C ASP B 95 17.82 1.65 -23.80
N ILE B 96 18.59 1.66 -22.71
CA ILE B 96 20.04 1.56 -22.78
C ILE B 96 20.58 0.14 -22.64
N THR B 97 19.70 -0.80 -22.28
CA THR B 97 20.10 -2.21 -22.22
C THR B 97 20.32 -2.72 -23.64
N LYS B 98 21.11 -3.79 -23.77
CA LYS B 98 21.44 -4.33 -25.09
C LYS B 98 20.35 -5.25 -25.64
N ASP B 99 20.51 -5.64 -26.91
CA ASP B 99 19.54 -6.52 -27.55
C ASP B 99 19.92 -7.98 -27.35
N ASN B 100 21.03 -8.20 -26.66
CA ASN B 100 21.50 -9.54 -26.35
C ASN B 100 21.37 -9.81 -24.85
N THR B 101 20.64 -8.95 -24.16
CA THR B 101 20.46 -9.06 -22.72
C THR B 101 19.00 -8.93 -22.30
N GLU B 102 18.53 -9.92 -21.54
CA GLU B 102 17.17 -9.88 -20.99
C GLU B 102 17.23 -10.01 -19.47
N TRP B 103 16.95 -8.90 -18.78
CA TRP B 103 16.86 -8.90 -17.33
C TRP B 103 15.43 -9.28 -16.93
N LYS B 104 15.11 -10.56 -17.03
CA LYS B 104 13.76 -11.05 -16.78
C LYS B 104 13.27 -10.73 -15.36
N LYS B 105 14.17 -10.82 -14.39
CA LYS B 105 13.81 -10.69 -12.98
C LYS B 105 13.21 -9.33 -12.62
N LEU B 106 13.42 -8.34 -13.47
CA LEU B 106 12.89 -6.98 -13.23
C LEU B 106 11.55 -6.76 -13.91
N HIS B 107 11.04 -7.81 -14.55
CA HIS B 107 9.70 -7.80 -15.13
C HIS B 107 8.96 -9.06 -14.67
N ALA B 108 9.39 -9.60 -13.54
CA ALA B 108 8.86 -10.85 -13.02
C ALA B 108 8.78 -10.80 -11.49
N PRO B 109 7.90 -11.62 -10.90
CA PRO B 109 7.77 -11.70 -9.43
C PRO B 109 9.05 -12.21 -8.76
N SER B 110 10.14 -11.47 -8.92
CA SER B 110 11.44 -11.87 -8.37
C SER B 110 11.74 -11.16 -7.05
N ARG B 111 12.72 -11.68 -6.32
CA ARG B 111 13.13 -11.08 -5.06
C ARG B 111 13.63 -9.65 -5.25
N LEU B 112 14.48 -9.42 -6.25
CA LEU B 112 15.08 -8.11 -6.43
C LEU B 112 14.15 -7.05 -7.04
N LEU B 113 13.06 -7.49 -7.66
CA LEU B 113 12.03 -6.53 -8.10
C LEU B 113 11.23 -6.08 -6.88
N TYR B 114 10.99 -7.00 -5.96
CA TYR B 114 10.29 -6.70 -4.71
C TYR B 114 11.06 -5.68 -3.90
N MET B 115 12.39 -5.75 -3.94
CA MET B 115 13.23 -4.84 -3.19
C MET B 115 13.28 -3.47 -3.85
N ALA B 116 13.13 -3.44 -5.17
CA ALA B 116 13.07 -2.20 -5.92
C ALA B 116 11.79 -1.44 -5.58
N GLY B 117 10.68 -2.16 -5.49
CA GLY B 117 9.41 -1.57 -5.11
C GLY B 117 9.39 -1.11 -3.66
N SER B 118 10.26 -1.73 -2.85
CA SER B 118 10.40 -1.38 -1.44
C SER B 118 11.20 -0.08 -1.23
N ALA B 119 12.13 0.18 -2.14
CA ALA B 119 13.06 1.30 -1.97
C ALA B 119 12.47 2.64 -2.39
N THR B 120 11.65 2.64 -3.44
CA THR B 120 11.10 3.87 -3.98
C THR B 120 10.16 4.57 -2.99
N THR B 121 10.16 5.90 -3.02
CA THR B 121 9.26 6.70 -2.21
C THR B 121 8.08 7.15 -3.05
N ASP B 122 8.11 6.79 -4.33
CA ASP B 122 7.02 7.07 -5.27
C ASP B 122 5.99 5.95 -5.21
N LEU B 123 4.76 6.31 -4.87
CA LEU B 123 3.68 5.33 -4.76
C LEU B 123 3.21 4.83 -6.12
N SER B 124 3.26 5.71 -7.12
CA SER B 124 2.91 5.33 -8.48
C SER B 124 3.92 4.30 -9.02
N LYS B 125 5.17 4.43 -8.58
CA LYS B 125 6.20 3.45 -8.90
C LYS B 125 5.85 2.09 -8.30
N LYS B 126 5.37 2.10 -7.06
CA LYS B 126 5.00 0.87 -6.36
C LYS B 126 3.82 0.17 -7.01
N ILE B 127 2.79 0.95 -7.35
CA ILE B 127 1.60 0.43 -8.02
C ILE B 127 1.97 -0.21 -9.36
N GLY B 128 2.90 0.41 -10.07
CA GLY B 128 3.38 -0.11 -11.33
C GLY B 128 4.16 -1.40 -11.21
N ILE B 129 5.00 -1.49 -10.18
CA ILE B 129 5.81 -2.68 -9.94
C ILE B 129 4.94 -3.84 -9.44
N ALA B 130 3.95 -3.51 -8.61
CA ALA B 130 3.00 -4.51 -8.11
C ALA B 130 2.22 -5.17 -9.24
N HIS B 131 1.98 -4.42 -10.32
CA HIS B 131 1.36 -4.95 -11.53
C HIS B 131 2.15 -6.15 -12.04
N LYS B 132 3.48 -5.99 -12.08
CA LYS B 132 4.37 -7.03 -12.60
C LYS B 132 4.50 -8.22 -11.66
N ILE B 133 4.47 -7.94 -10.36
CA ILE B 133 4.64 -8.98 -9.35
C ILE B 133 3.37 -9.82 -9.19
N MET B 134 2.22 -9.15 -9.21
CA MET B 134 0.94 -9.83 -9.08
C MET B 134 0.44 -10.42 -10.39
N GLY B 135 1.12 -10.09 -11.49
CA GLY B 135 0.75 -10.60 -12.80
C GLY B 135 1.31 -9.78 -13.94
N ASP B 142 -7.01 -5.80 -22.17
CA ASP B 142 -7.19 -7.23 -21.95
C ASP B 142 -7.12 -7.60 -20.47
N GLN B 143 -6.09 -8.35 -20.09
CA GLN B 143 -5.94 -8.83 -18.72
C GLN B 143 -5.63 -7.72 -17.72
N GLU B 144 -6.55 -6.77 -17.58
CA GLU B 144 -6.40 -5.69 -16.61
C GLU B 144 -6.85 -6.17 -15.22
N GLN B 145 -5.93 -6.16 -14.27
CA GLN B 145 -6.13 -6.86 -13.00
C GLN B 145 -6.68 -5.99 -11.86
N VAL B 146 -7.28 -6.67 -10.89
CA VAL B 146 -8.11 -6.02 -9.88
C VAL B 146 -7.53 -6.09 -8.47
N GLY B 147 -6.47 -6.85 -8.30
CA GLY B 147 -5.88 -7.04 -6.98
C GLY B 147 -4.65 -6.18 -6.73
N VAL B 148 -4.31 -5.32 -7.67
CA VAL B 148 -3.12 -4.48 -7.55
C VAL B 148 -3.18 -3.55 -6.34
N GLU B 149 -2.11 -3.58 -5.55
CA GLU B 149 -2.07 -2.98 -4.23
C GLU B 149 -0.71 -2.34 -4.06
N ASN B 150 -0.48 -1.72 -2.89
CA ASN B 150 0.87 -1.34 -2.51
C ASN B 150 1.42 -2.40 -1.56
N LEU B 151 2.19 -3.33 -2.10
CA LEU B 151 2.70 -4.47 -1.35
C LEU B 151 3.62 -4.08 -0.20
N TRP B 152 4.20 -2.89 -0.29
CA TRP B 152 5.22 -2.46 0.66
C TRP B 152 4.65 -1.55 1.74
N CYS B 153 3.33 -1.40 1.72
CA CYS B 153 2.62 -0.66 2.76
C CYS B 153 2.77 -1.38 4.10
N GLY B 154 3.00 -0.62 5.16
CA GLY B 154 3.16 -1.19 6.49
C GLY B 154 1.84 -1.27 7.24
N ALA B 155 0.75 -1.09 6.50
CA ALA B 155 -0.58 -1.07 7.10
C ALA B 155 -1.61 -1.73 6.20
N ARG B 156 -1.16 -2.68 5.38
CA ARG B 156 -2.06 -3.42 4.51
C ARG B 156 -2.45 -4.76 5.10
N MET B 157 -3.69 -5.18 4.88
CA MET B 157 -4.12 -6.48 5.36
C MET B 157 -3.66 -7.58 4.41
N LEU B 158 -3.07 -8.63 4.97
CA LEU B 158 -2.53 -9.73 4.18
C LEU B 158 -3.63 -10.46 3.40
N SER B 159 -3.27 -10.96 2.23
CA SER B 159 -4.22 -11.71 1.40
C SER B 159 -4.15 -13.20 1.70
N SER B 160 -5.20 -13.93 1.33
CA SER B 160 -5.27 -15.38 1.55
C SER B 160 -4.13 -16.15 0.88
N ASP B 161 -3.88 -15.87 -0.38
CA ASP B 161 -2.82 -16.54 -1.14
C ASP B 161 -1.45 -16.35 -0.49
N GLU B 162 -1.13 -15.09 -0.21
CA GLU B 162 0.14 -14.72 0.41
C GLU B 162 0.30 -15.35 1.78
N LEU B 163 -0.80 -15.38 2.54
CA LEU B 163 -0.79 -15.95 3.89
C LEU B 163 -0.72 -17.47 3.83
N ALA B 164 -1.29 -18.06 2.78
CA ALA B 164 -1.27 -19.51 2.60
C ALA B 164 0.14 -20.00 2.27
N ALA B 165 0.80 -19.30 1.36
CA ALA B 165 2.15 -19.68 0.92
C ALA B 165 3.16 -19.60 2.07
N ALA B 166 2.98 -18.64 2.97
CA ALA B 166 3.91 -18.43 4.06
C ALA B 166 3.69 -19.38 5.24
N THR B 167 2.42 -19.61 5.59
CA THR B 167 2.09 -20.48 6.71
C THR B 167 2.30 -21.96 6.40
N GLN B 168 1.82 -22.40 5.25
CA GLN B 168 1.95 -23.79 4.86
C GLN B 168 3.41 -24.18 4.58
N GLY B 169 4.18 -23.24 4.04
CA GLY B 169 5.59 -23.45 3.80
C GLY B 169 6.40 -23.37 5.08
N LEU B 170 5.81 -22.77 6.11
CA LEU B 170 6.46 -22.62 7.41
C LEU B 170 6.46 -23.94 8.16
N VAL B 171 5.48 -24.80 7.85
CA VAL B 171 5.29 -26.05 8.59
C VAL B 171 5.21 -27.28 7.68
N GLN B 172 5.75 -27.16 6.47
CA GLN B 172 5.69 -28.27 5.51
C GLN B 172 6.59 -29.42 5.94
N GLU B 173 7.44 -29.17 6.94
CA GLU B 173 8.28 -30.22 7.51
C GLU B 173 7.91 -30.50 8.96
N SER B 174 6.71 -30.09 9.36
CA SER B 174 6.19 -30.32 10.71
C SER B 174 4.98 -31.25 10.68
N PRO B 175 5.18 -32.51 11.11
CA PRO B 175 4.14 -33.56 11.03
C PRO B 175 2.97 -33.34 11.99
N LEU B 176 3.21 -32.62 13.08
CA LEU B 176 2.20 -32.47 14.13
C LEU B 176 1.44 -31.16 14.00
N LEU B 177 1.77 -30.38 12.97
CA LEU B 177 1.21 -29.05 12.82
C LEU B 177 0.61 -28.88 11.42
N SER B 178 -0.69 -28.61 11.36
CA SER B 178 -1.38 -28.48 10.07
C SER B 178 -2.06 -27.13 9.93
N VAL B 179 -1.74 -26.42 8.84
CA VAL B 179 -2.38 -25.14 8.55
C VAL B 179 -3.23 -25.26 7.28
N ASN B 180 -4.51 -24.90 7.39
CA ASN B 180 -5.43 -24.94 6.26
C ASN B 180 -5.43 -23.63 5.49
N TYR B 181 -5.87 -23.68 4.24
CA TYR B 181 -5.98 -22.48 3.41
C TYR B 181 -6.91 -21.47 4.07
N PRO B 182 -6.49 -20.20 4.11
CA PRO B 182 -7.25 -19.13 4.78
C PRO B 182 -8.64 -18.95 4.20
N ILE B 183 -9.64 -18.80 5.06
CA ILE B 183 -11.02 -18.64 4.63
C ILE B 183 -11.68 -17.48 5.36
N GLY B 184 -12.84 -17.06 4.84
CA GLY B 184 -13.68 -16.13 5.56
C GLY B 184 -14.61 -16.95 6.45
N LEU B 185 -15.11 -16.35 7.52
CA LEU B 185 -15.97 -17.06 8.46
C LEU B 185 -17.37 -17.28 7.85
N ILE B 186 -17.99 -16.20 7.39
CA ILE B 186 -19.31 -16.28 6.78
C ILE B 186 -19.29 -15.91 5.30
N HIS B 187 -19.90 -16.76 4.47
CA HIS B 187 -20.09 -16.46 3.06
C HIS B 187 -21.10 -15.33 2.92
N PRO B 188 -20.74 -14.26 2.18
CA PRO B 188 -21.56 -13.05 2.08
C PRO B 188 -22.95 -13.31 1.51
N THR B 189 -23.05 -14.24 0.55
CA THR B 189 -24.31 -14.53 -0.13
C THR B 189 -25.11 -15.62 0.58
N THR B 190 -24.47 -16.77 0.78
CA THR B 190 -25.12 -17.95 1.35
C THR B 190 -25.37 -17.77 2.85
N LYS B 191 -24.60 -16.88 3.48
CA LYS B 191 -24.59 -16.71 4.92
C LYS B 191 -24.16 -17.98 5.65
N GLU B 192 -23.50 -18.88 4.92
CA GLU B 192 -23.06 -20.15 5.49
C GLU B 192 -21.78 -19.98 6.30
N ASN B 193 -21.63 -20.82 7.32
CA ASN B 193 -20.42 -20.82 8.12
C ASN B 193 -19.37 -21.64 7.39
N ILE B 194 -18.46 -20.95 6.69
CA ILE B 194 -17.43 -21.61 5.90
C ILE B 194 -16.47 -22.40 6.78
N LEU B 195 -16.19 -21.89 7.96
CA LEU B 195 -15.34 -22.58 8.92
C LEU B 195 -15.92 -23.94 9.31
N SER B 196 -17.22 -23.97 9.57
CA SER B 196 -17.87 -25.18 10.04
C SER B 196 -18.08 -26.20 8.91
N THR B 197 -18.23 -25.71 7.69
CA THR B 197 -18.39 -26.61 6.53
C THR B 197 -17.06 -27.30 6.24
N GLN B 198 -15.97 -26.59 6.46
CA GLN B 198 -14.62 -27.12 6.22
C GLN B 198 -14.17 -28.08 7.32
N LEU B 199 -14.56 -27.78 8.56
CA LEU B 199 -14.29 -28.68 9.67
C LEU B 199 -15.02 -30.01 9.47
N LEU B 200 -16.25 -29.94 8.97
CA LEU B 200 -17.02 -31.14 8.68
C LEU B 200 -16.35 -31.98 7.60
N GLU B 201 -15.91 -31.33 6.53
CA GLU B 201 -15.21 -32.01 5.46
C GLU B 201 -13.90 -32.61 5.98
N LYS B 202 -13.26 -31.87 6.88
CA LYS B 202 -12.00 -32.30 7.51
C LYS B 202 -12.20 -33.57 8.32
N ILE B 203 -13.32 -33.65 9.04
CA ILE B 203 -13.62 -34.80 9.87
C ILE B 203 -14.07 -36.02 9.06
N ALA B 204 -14.70 -35.78 7.91
CA ALA B 204 -15.24 -36.88 7.12
C ALA B 204 -14.21 -37.48 6.16
N GLN B 205 -13.35 -36.62 5.60
CA GLN B 205 -12.41 -37.05 4.57
C GLN B 205 -11.00 -37.24 5.11
N SER B 206 -10.76 -36.72 6.31
CA SER B 206 -9.44 -36.78 6.92
C SER B 206 -9.56 -36.92 8.43
N GLY B 207 -8.93 -36.00 9.15
CA GLY B 207 -8.99 -35.97 10.60
C GLY B 207 -8.33 -34.70 11.10
N LEU B 208 -8.46 -34.43 12.39
CA LEU B 208 -7.81 -33.27 12.98
C LEU B 208 -6.38 -33.61 13.41
N SER B 209 -5.42 -32.79 12.98
CA SER B 209 -4.02 -32.97 13.37
C SER B 209 -3.82 -32.57 14.83
N HIS B 210 -2.67 -32.94 15.38
CA HIS B 210 -2.32 -32.66 16.77
C HIS B 210 -2.46 -31.17 17.08
N ASN B 211 -2.02 -30.34 16.15
CA ASN B 211 -2.37 -28.93 16.16
C ASN B 211 -3.01 -28.58 14.81
N GLU B 212 -4.31 -28.29 14.83
CA GLU B 212 -5.00 -27.88 13.61
C GLU B 212 -5.24 -26.37 13.60
N VAL B 213 -4.68 -25.70 12.60
CA VAL B 213 -4.78 -24.26 12.50
C VAL B 213 -5.66 -23.84 11.34
N PHE B 214 -6.69 -23.05 11.64
CA PHE B 214 -7.50 -22.42 10.60
C PHE B 214 -7.24 -20.92 10.64
N LEU B 215 -7.10 -20.32 9.46
CA LEU B 215 -6.92 -18.88 9.35
C LEU B 215 -8.24 -18.27 8.88
N VAL B 216 -8.90 -17.56 9.78
CA VAL B 216 -10.24 -17.07 9.54
C VAL B 216 -10.26 -15.55 9.52
N ASN B 217 -10.83 -14.97 8.46
CA ASN B 217 -10.99 -13.53 8.42
C ASN B 217 -12.45 -13.12 8.61
N THR B 218 -12.65 -11.98 9.30
CA THR B 218 -13.97 -11.47 9.59
C THR B 218 -14.22 -10.22 8.78
N GLY B 219 -13.26 -9.91 7.91
CA GLY B 219 -13.32 -8.69 7.12
C GLY B 219 -12.33 -7.66 7.63
N ASP B 220 -12.09 -7.70 8.94
CA ASP B 220 -11.17 -6.76 9.56
C ASP B 220 -10.06 -7.48 10.33
N HIS B 221 -10.29 -8.74 10.66
CA HIS B 221 -9.33 -9.54 11.41
C HIS B 221 -8.77 -10.69 10.59
N TRP B 222 -7.57 -11.13 10.95
CA TRP B 222 -7.13 -12.48 10.62
C TRP B 222 -7.03 -13.21 11.96
N LEU B 223 -7.83 -14.25 12.14
CA LEU B 223 -7.86 -14.95 13.40
C LEU B 223 -7.09 -16.27 13.34
N LEU B 224 -6.28 -16.51 14.37
CA LEU B 224 -5.64 -17.80 14.53
C LEU B 224 -6.61 -18.70 15.28
N CYS B 225 -7.24 -19.63 14.55
CA CYS B 225 -8.14 -20.59 15.19
C CYS B 225 -7.44 -21.94 15.32
N LEU B 226 -7.10 -22.29 16.56
CA LEU B 226 -6.31 -23.49 16.82
C LEU B 226 -7.11 -24.59 17.49
N PHE B 227 -7.08 -25.78 16.89
CA PHE B 227 -7.65 -26.96 17.53
C PHE B 227 -6.53 -27.89 17.97
N TYR B 228 -6.33 -27.94 19.28
CA TYR B 228 -5.30 -28.78 19.88
C TYR B 228 -5.95 -29.71 20.89
N LYS B 229 -5.14 -30.53 21.54
CA LYS B 229 -5.65 -31.51 22.48
C LYS B 229 -4.72 -31.73 23.64
N LEU B 230 -5.20 -31.39 24.83
CA LEU B 230 -4.45 -31.61 26.06
C LEU B 230 -5.32 -32.42 27.01
N ALA B 231 -4.80 -33.56 27.45
CA ALA B 231 -5.48 -34.44 28.39
C ALA B 231 -6.85 -34.92 27.90
N GLU B 232 -6.84 -35.73 26.83
CA GLU B 232 -8.04 -36.42 26.34
C GLU B 232 -9.19 -35.54 25.87
N LYS B 233 -9.05 -34.22 26.02
CA LYS B 233 -10.09 -33.29 25.60
C LYS B 233 -9.62 -32.43 24.42
N ILE B 234 -10.45 -32.32 23.40
CA ILE B 234 -10.18 -31.42 22.29
C ILE B 234 -10.46 -30.00 22.75
N LYS B 235 -9.53 -29.09 22.45
CA LYS B 235 -9.69 -27.71 22.88
C LYS B 235 -9.66 -26.76 21.70
N CYS B 236 -10.39 -25.67 21.80
CA CYS B 236 -10.37 -24.64 20.77
C CYS B 236 -9.75 -23.35 21.29
N LEU B 237 -8.95 -22.71 20.44
CA LEU B 237 -8.20 -21.53 20.82
C LEU B 237 -8.38 -20.48 19.74
N ILE B 238 -8.79 -19.27 20.12
CA ILE B 238 -8.89 -18.18 19.16
C ILE B 238 -7.93 -17.06 19.54
N PHE B 239 -7.02 -16.72 18.62
CA PHE B 239 -6.04 -15.68 18.88
C PHE B 239 -6.37 -14.39 18.13
N ASN B 240 -6.77 -13.38 18.88
CA ASN B 240 -7.16 -12.09 18.33
C ASN B 240 -6.18 -10.99 18.74
N THR B 241 -5.45 -10.47 17.75
CA THR B 241 -4.43 -9.47 18.00
C THR B 241 -4.92 -8.06 17.64
N TYR B 242 -6.22 -7.93 17.40
CA TYR B 242 -6.83 -6.63 17.10
C TYR B 242 -7.81 -6.26 18.21
N TYR B 243 -8.96 -5.70 17.84
CA TYR B 243 -9.97 -5.32 18.82
C TYR B 243 -10.93 -6.47 19.10
N ASP B 244 -11.62 -6.40 20.23
CA ASP B 244 -12.55 -7.45 20.64
C ASP B 244 -13.63 -7.72 19.58
N LEU B 245 -13.98 -8.99 19.41
CA LEU B 245 -14.91 -9.42 18.37
C LEU B 245 -16.38 -9.25 18.77
N ASN B 246 -17.22 -9.06 17.76
CA ASN B 246 -18.67 -9.03 17.95
C ASN B 246 -19.20 -10.35 18.51
N GLU B 247 -20.35 -10.32 19.18
CA GLU B 247 -20.97 -11.54 19.69
C GLU B 247 -21.39 -12.46 18.55
N ASN B 248 -21.80 -11.88 17.44
CA ASN B 248 -22.20 -12.66 16.28
C ASN B 248 -21.05 -13.48 15.71
N THR B 249 -19.90 -12.83 15.53
CA THR B 249 -18.70 -13.49 15.06
C THR B 249 -18.30 -14.62 16.02
N LYS B 250 -18.24 -14.29 17.31
CA LYS B 250 -17.88 -15.28 18.34
C LYS B 250 -18.82 -16.47 18.33
N GLN B 251 -20.11 -16.22 18.14
CA GLN B 251 -21.12 -17.29 18.15
C GLN B 251 -20.91 -18.27 17.01
N GLU B 252 -20.61 -17.76 15.82
CA GLU B 252 -20.37 -18.60 14.65
C GLU B 252 -19.13 -19.46 14.84
N ILE B 253 -18.13 -18.89 15.51
CA ILE B 253 -16.89 -19.61 15.81
C ILE B 253 -17.17 -20.74 16.80
N ILE B 254 -17.93 -20.45 17.85
CA ILE B 254 -18.30 -21.44 18.85
C ILE B 254 -19.11 -22.57 18.23
N GLU B 255 -20.04 -22.23 17.33
CA GLU B 255 -20.83 -23.23 16.62
C GLU B 255 -19.94 -24.18 15.84
N ALA B 256 -18.88 -23.63 15.25
CA ALA B 256 -17.91 -24.44 14.50
C ALA B 256 -17.04 -25.27 15.43
N ALA B 257 -16.66 -24.69 16.57
CA ALA B 257 -15.87 -25.42 17.56
C ALA B 257 -16.62 -26.63 18.12
N LYS B 258 -17.93 -26.50 18.28
CA LYS B 258 -18.76 -27.60 18.77
C LYS B 258 -18.79 -28.77 17.78
N ILE B 259 -18.73 -28.44 16.49
CA ILE B 259 -18.63 -29.45 15.44
C ILE B 259 -17.34 -30.26 15.57
N ALA B 260 -16.25 -29.58 15.93
CA ALA B 260 -14.95 -30.23 16.10
C ALA B 260 -14.93 -31.21 17.26
N GLY B 261 -15.84 -31.02 18.21
CA GLY B 261 -15.95 -31.92 19.35
C GLY B 261 -15.69 -31.26 20.69
N ILE B 262 -15.89 -29.95 20.74
CA ILE B 262 -15.72 -29.20 21.98
C ILE B 262 -16.72 -29.67 23.04
N SER B 263 -16.21 -30.03 24.21
CA SER B 263 -17.03 -30.59 25.28
C SER B 263 -17.94 -29.56 25.94
N GLU B 264 -18.89 -30.04 26.73
CA GLU B 264 -19.77 -29.18 27.50
C GLU B 264 -19.01 -28.59 28.69
N SER B 265 -18.02 -29.32 29.18
CA SER B 265 -17.25 -28.89 30.35
C SER B 265 -16.26 -27.77 30.02
N ASP B 266 -16.00 -27.56 28.72
CA ASP B 266 -15.01 -26.57 28.30
C ASP B 266 -15.58 -25.50 27.39
N GLU B 267 -14.84 -24.40 27.25
CA GLU B 267 -15.24 -23.29 26.40
C GLU B 267 -14.14 -22.96 25.40
N VAL B 268 -14.51 -22.25 24.34
CA VAL B 268 -13.54 -21.69 23.41
C VAL B 268 -12.79 -20.57 24.12
N ASN B 269 -11.47 -20.67 24.18
CA ASN B 269 -10.65 -19.65 24.81
C ASN B 269 -10.30 -18.53 23.82
N PHE B 270 -11.02 -17.41 23.91
CA PHE B 270 -10.74 -16.25 23.09
C PHE B 270 -9.64 -15.40 23.72
N ILE B 271 -8.44 -15.50 23.16
CA ILE B 271 -7.33 -14.65 23.60
C ILE B 271 -7.31 -13.38 22.76
N GLU B 272 -7.79 -12.27 23.33
CA GLU B 272 -7.92 -11.03 22.59
C GLU B 272 -7.07 -9.93 23.18
N MET B 273 -5.94 -9.65 22.52
CA MET B 273 -5.03 -8.60 22.97
C MET B 273 -4.59 -7.75 21.78
N ASN B 274 -5.02 -6.50 21.76
CA ASN B 274 -4.69 -5.58 20.67
C ASN B 274 -3.20 -5.26 20.65
N LEU B 275 -2.51 -5.75 19.62
CA LEU B 275 -1.08 -5.52 19.47
C LEU B 275 -0.80 -4.64 18.26
N GLN B 276 -1.85 -4.07 17.68
CA GLN B 276 -1.75 -3.42 16.37
C GLN B 276 -1.70 -1.90 16.39
N ASN B 277 -1.32 -1.32 17.53
CA ASN B 277 -1.18 0.13 17.58
C ASN B 277 0.00 0.60 16.73
N ASN B 278 1.08 -0.17 16.77
CA ASN B 278 2.28 0.14 15.99
C ASN B 278 2.56 -0.93 14.94
N VAL B 279 1.61 -1.86 14.81
CA VAL B 279 1.65 -2.86 13.74
C VAL B 279 0.29 -2.87 13.04
N PRO B 280 0.00 -1.80 12.28
CA PRO B 280 -1.33 -1.60 11.67
C PRO B 280 -1.66 -2.72 10.69
N ASN B 281 -2.85 -3.30 10.81
CA ASN B 281 -3.23 -4.49 10.04
C ASN B 281 -2.20 -5.61 10.13
N GLY B 282 -1.70 -5.83 11.35
CA GLY B 282 -0.69 -6.85 11.57
C GLY B 282 -1.28 -8.20 11.91
N CYS B 283 -2.59 -8.35 11.69
CA CYS B 283 -3.29 -9.59 11.96
C CYS B 283 -2.60 -10.81 11.35
N GLY B 284 -2.31 -10.73 10.05
CA GLY B 284 -1.65 -11.82 9.35
C GLY B 284 -0.22 -12.03 9.80
N LEU B 285 0.45 -10.95 10.19
CA LEU B 285 1.83 -11.02 10.67
C LEU B 285 1.93 -11.85 11.95
N PHE B 286 1.02 -11.59 12.89
CA PHE B 286 1.01 -12.32 14.15
C PHE B 286 0.56 -13.76 13.99
N CYS B 287 -0.32 -14.01 13.02
CA CYS B 287 -0.73 -15.38 12.69
C CYS B 287 0.46 -16.19 12.21
N TYR B 288 1.29 -15.57 11.38
CA TYR B 288 2.47 -16.21 10.84
C TYR B 288 3.52 -16.44 11.92
N HIS B 289 3.75 -15.42 12.74
CA HIS B 289 4.78 -15.47 13.77
C HIS B 289 4.46 -16.49 14.86
N THR B 290 3.19 -16.61 15.22
CA THR B 290 2.77 -17.51 16.28
C THR B 290 2.73 -18.97 15.85
N ILE B 291 2.47 -19.21 14.57
CA ILE B 291 2.56 -20.55 14.00
C ILE B 291 4.02 -21.01 14.05
N GLN B 292 4.93 -20.07 13.81
CA GLN B 292 6.35 -20.32 13.90
C GLN B 292 6.75 -20.66 15.35
N LEU B 293 6.12 -19.98 16.30
CA LEU B 293 6.33 -20.27 17.71
C LEU B 293 5.88 -21.69 18.07
N LEU B 294 4.64 -22.02 17.70
CA LEU B 294 4.06 -23.33 17.97
C LEU B 294 4.86 -24.45 17.31
N SER B 295 5.49 -24.14 16.18
CA SER B 295 6.28 -25.12 15.43
C SER B 295 7.62 -25.40 16.10
N ASN B 296 8.06 -24.48 16.95
CA ASN B 296 9.34 -24.62 17.65
C ASN B 296 9.18 -24.53 19.16
N ALA B 297 8.03 -24.95 19.67
CA ALA B 297 7.76 -24.91 21.10
C ALA B 297 7.65 -26.31 21.69
N GLY B 298 7.31 -27.28 20.84
CA GLY B 298 7.17 -28.65 21.27
C GLY B 298 6.03 -28.86 22.26
N GLN B 299 6.39 -29.34 23.46
CA GLN B 299 5.39 -29.65 24.48
C GLN B 299 5.16 -28.49 25.44
N ASN B 300 4.04 -27.80 25.25
CA ASN B 300 3.60 -26.71 26.13
C ASN B 300 2.17 -26.32 25.79
N ASP B 301 1.50 -25.63 26.70
CA ASP B 301 0.15 -25.14 26.45
C ASP B 301 0.21 -23.97 25.46
N PRO B 302 -0.37 -24.16 24.27
CA PRO B 302 -0.38 -23.10 23.25
C PRO B 302 -1.08 -21.84 23.75
N ALA B 303 -2.00 -22.00 24.71
CA ALA B 303 -2.70 -20.88 25.30
C ALA B 303 -1.74 -19.91 25.98
N THR B 304 -0.83 -20.43 26.79
CA THR B 304 0.17 -19.59 27.44
C THR B 304 1.23 -19.14 26.44
N THR B 305 1.56 -20.01 25.49
CA THR B 305 2.55 -19.70 24.46
C THR B 305 2.17 -18.42 23.71
N LEU B 306 0.88 -18.29 23.40
CA LEU B 306 0.38 -17.13 22.68
C LEU B 306 0.14 -15.96 23.64
N ARG B 307 -0.47 -16.25 24.78
CA ARG B 307 -0.73 -15.23 25.80
C ARG B 307 0.58 -14.56 26.25
N GLU B 308 1.62 -15.37 26.43
CA GLU B 308 2.92 -14.85 26.85
C GLU B 308 3.61 -14.04 25.76
N PHE B 309 3.48 -14.48 24.51
CA PHE B 309 4.05 -13.72 23.41
C PHE B 309 3.38 -12.35 23.32
N ALA B 310 2.06 -12.35 23.44
CA ALA B 310 1.29 -11.12 23.33
C ALA B 310 1.62 -10.13 24.43
N GLU B 311 1.79 -10.64 25.65
CA GLU B 311 2.13 -9.80 26.79
C GLU B 311 3.53 -9.20 26.65
N ASN B 312 4.50 -10.03 26.27
CA ASN B 312 5.86 -9.56 26.10
C ASN B 312 5.99 -8.59 24.92
N PHE B 313 5.14 -8.77 23.91
CA PHE B 313 5.19 -7.92 22.73
C PHE B 313 4.81 -6.48 23.05
N LEU B 314 3.92 -6.31 24.03
CA LEU B 314 3.47 -4.99 24.44
C LEU B 314 4.53 -4.23 25.25
N THR B 315 5.51 -4.97 25.76
CA THR B 315 6.58 -4.37 26.55
C THR B 315 7.73 -3.90 25.67
N LEU B 316 7.54 -4.01 24.35
CA LEU B 316 8.58 -3.66 23.40
C LEU B 316 8.51 -2.19 22.98
N SER B 317 9.65 -1.63 22.59
CA SER B 317 9.71 -0.26 22.09
C SER B 317 8.99 -0.17 20.75
N VAL B 318 8.64 1.05 20.36
CA VAL B 318 8.01 1.29 19.08
C VAL B 318 8.97 0.91 17.95
N GLU B 319 10.25 1.14 18.16
CA GLU B 319 11.28 0.76 17.20
C GLU B 319 11.32 -0.76 17.01
N GLU B 320 11.20 -1.48 18.12
CA GLU B 320 11.18 -2.94 18.08
C GLU B 320 9.94 -3.46 17.37
N GLN B 321 8.79 -2.84 17.66
CA GLN B 321 7.51 -3.27 17.10
C GLN B 321 7.38 -2.92 15.62
N ALA B 322 7.92 -1.77 15.24
CA ALA B 322 7.87 -1.32 13.85
C ALA B 322 8.84 -2.13 12.99
N LEU B 323 9.93 -2.59 13.60
CA LEU B 323 10.88 -3.45 12.89
C LEU B 323 10.27 -4.82 12.68
N PHE B 324 9.51 -5.29 13.66
CA PHE B 324 8.75 -6.53 13.53
C PHE B 324 7.81 -6.41 12.34
N ASN B 325 7.05 -5.32 12.32
CA ASN B 325 6.09 -5.05 11.25
C ASN B 325 6.74 -5.15 9.87
N THR B 326 7.87 -4.46 9.71
CA THR B 326 8.55 -4.39 8.42
C THR B 326 9.19 -5.72 7.99
N GLN B 327 9.89 -6.37 8.91
CA GLN B 327 10.62 -7.60 8.59
C GLN B 327 9.70 -8.81 8.38
N THR B 328 8.66 -8.91 9.19
CA THR B 328 7.70 -10.01 9.07
C THR B 328 6.97 -9.94 7.72
N ARG B 329 6.60 -8.74 7.31
CA ARG B 329 5.91 -8.56 6.03
C ARG B 329 6.77 -8.99 4.84
N ARG B 330 8.08 -8.76 4.96
CA ARG B 330 9.01 -9.12 3.89
C ARG B 330 9.27 -10.62 3.84
N GLN B 331 9.41 -11.22 5.02
CA GLN B 331 9.66 -12.66 5.11
C GLN B 331 8.42 -13.45 4.67
N ILE B 332 7.25 -12.90 4.92
CA ILE B 332 6.00 -13.52 4.53
C ILE B 332 5.87 -13.56 3.01
N TYR B 333 6.13 -12.42 2.36
CA TYR B 333 5.93 -12.35 0.92
C TYR B 333 7.00 -13.10 0.12
N GLU B 334 8.13 -13.39 0.74
CA GLU B 334 9.19 -14.15 0.09
C GLU B 334 8.64 -15.48 -0.44
N TYR B 335 7.70 -16.08 0.29
CA TYR B 335 7.13 -17.37 -0.09
C TYR B 335 6.31 -17.29 -1.38
N SER B 336 5.93 -16.07 -1.78
CA SER B 336 5.12 -15.88 -2.97
C SER B 336 5.95 -15.47 -4.19
N LEU B 337 7.23 -15.17 -3.95
CA LEU B 337 8.14 -14.81 -5.03
C LEU B 337 8.81 -16.06 -5.59
N GLN B 338 9.32 -15.97 -6.82
CA GLN B 338 10.03 -17.08 -7.43
C GLN B 338 11.45 -17.20 -6.88
K K C . -6.35 1.02 4.93
K K D . -10.36 -6.83 4.19
K K E . 2.50 -29.79 8.21
#